data_9MY6
#
_entry.id   9MY6
#
_cell.length_a   65.424
_cell.length_b   141.246
_cell.length_c   148.464
_cell.angle_alpha   90.000
_cell.angle_beta   90.000
_cell.angle_gamma   90.000
#
_symmetry.space_group_name_H-M   'P 21 21 21'
#
loop_
_entity.id
_entity.type
_entity.pdbx_description
1 polymer '(2,3-dihydroxybenzoyl)adenylate synthase'
2 non-polymer '4-fluorosalicyclic acid'
3 non-polymer DI(HYDROXYETHYL)ETHER
4 non-polymer 'CALCIUM ION'
5 non-polymer 1,2-ETHANEDIOL
6 water water
#
_entity_poly.entity_id   1
_entity_poly.type   'polypeptide(L)'
_entity_poly.pdbx_seq_one_letter_code
;MGSSHHHHHSSGENLYFQGHMKKQLIEFVRWSPERAQHYRNKGYWIDQPLTRILTVGVQSHPHSLAIICGERQLSYIELD
RLSTNLATRLAEKGLGKGDTALVQLPNVAEFYIVFFALLKAGVVVLNALYSHRQYELNAFIKQIQPKLLIGSRQHEVFSN
NQFIDSLHDVNLSPEIILMLNHQATDFGLLDWIETPAETFVDFSSTPADEVAFFQLSGGSTGTPKLIPRTHNDYDYSVRA
SAEICGLNSNTRLLCALPAPHNFMLSCPGALGVLHAGGCVVMAPNPEPLNCFSIIQRHQVNMASLVPSAVIMWLEKAAQY
KDQIQSLKLLQVGGASFPESLARQVPEVLNCKLQQAFGMAEGLVNYTRLDDSDEQIFTTQGRPISSDDEIKIVDEQYREV
PEGEIGMLATRGPYTFCGYYQSPEHNSQVFDEDNYYYSGDLVQRTPDGNLRVVGRIKDQINRGGEKIASEEIEKLILLHP
EVMHAALVAIVDEQFGEKSCAFIVSRNPELKAVVLRRHLMELGIAQYKLPDQIKLIESLPLTAVGKVDKKQLRSILNTST
TS
;
_entity_poly.pdbx_strand_id   B,A
#
# COMPACT_ATOMS: atom_id res chain seq x y z
N LYS A 23 -35.81 -2.58 11.97
CA LYS A 23 -36.15 -3.05 13.31
C LYS A 23 -35.13 -4.10 13.77
N GLN A 24 -34.69 -4.97 12.85
CA GLN A 24 -33.61 -5.90 13.20
C GLN A 24 -32.31 -5.12 13.38
N LEU A 25 -31.59 -5.40 14.46
CA LEU A 25 -30.25 -4.87 14.59
C LEU A 25 -29.32 -5.57 13.58
N ILE A 26 -28.21 -4.90 13.27
CA ILE A 26 -27.21 -5.47 12.37
C ILE A 26 -26.80 -6.86 12.87
N GLU A 27 -26.78 -7.83 11.96
CA GLU A 27 -26.37 -9.19 12.26
C GLU A 27 -24.86 -9.30 12.43
N PHE A 28 -24.44 -10.23 13.27
CA PHE A 28 -23.02 -10.50 13.46
C PHE A 28 -22.92 -11.84 14.16
N VAL A 29 -21.72 -12.37 14.25
CA VAL A 29 -21.47 -13.69 14.82
C VAL A 29 -21.13 -13.51 16.29
N ARG A 30 -21.99 -14.04 17.15
CA ARG A 30 -21.92 -13.86 18.59
C ARG A 30 -20.88 -14.77 19.25
N TRP A 31 -20.25 -14.28 20.31
CA TRP A 31 -19.54 -15.17 21.23
C TRP A 31 -20.50 -16.19 21.83
N SER A 32 -19.98 -17.37 22.19
CA SER A 32 -20.85 -18.28 22.92
C SER A 32 -21.30 -17.63 24.24
N PRO A 33 -22.43 -18.05 24.77
CA PRO A 33 -22.87 -17.45 26.05
C PRO A 33 -21.93 -17.79 27.20
N GLU A 34 -21.31 -18.96 27.19
CA GLU A 34 -20.36 -19.25 28.25
C GLU A 34 -19.18 -18.29 28.21
N ARG A 35 -18.74 -17.84 27.02
CA ARG A 35 -17.61 -16.91 26.99
C ARG A 35 -18.05 -15.49 27.34
N ALA A 36 -19.21 -15.06 26.84
CA ALA A 36 -19.78 -13.79 27.29
C ALA A 36 -19.89 -13.71 28.82
N GLN A 37 -20.43 -14.75 29.45
CA GLN A 37 -20.49 -14.72 30.92
C GLN A 37 -19.10 -14.56 31.54
N HIS A 38 -18.17 -15.45 31.20
CA HIS A 38 -16.77 -15.30 31.64
C HIS A 38 -16.26 -13.87 31.48
N TYR A 39 -16.39 -13.31 30.29
CA TYR A 39 -15.87 -11.96 30.05
C TYR A 39 -16.57 -10.89 30.88
N ARG A 40 -17.86 -11.08 31.21
CA ARG A 40 -18.51 -10.19 32.16
C ARG A 40 -18.01 -10.45 33.58
N ASN A 41 -17.81 -11.71 33.95
CA ASN A 41 -17.40 -12.02 35.32
C ASN A 41 -16.01 -11.45 35.60
N LYS A 42 -15.17 -11.40 34.58
CA LYS A 42 -13.83 -10.83 34.70
C LYS A 42 -13.84 -9.31 34.65
N GLY A 43 -15.02 -8.70 34.44
CA GLY A 43 -15.08 -7.26 34.29
C GLY A 43 -14.56 -6.73 32.97
N TYR A 44 -14.30 -7.59 31.98
CA TYR A 44 -13.91 -7.06 30.68
C TYR A 44 -15.07 -6.38 29.99
N TRP A 45 -16.24 -7.05 29.99
CA TRP A 45 -17.44 -6.55 29.33
C TRP A 45 -18.28 -5.92 30.43
N ILE A 46 -18.43 -4.59 30.43
CA ILE A 46 -19.19 -3.93 31.49
C ILE A 46 -20.58 -3.49 31.02
N ASP A 47 -20.95 -3.84 29.78
CA ASP A 47 -22.26 -3.63 29.22
C ASP A 47 -22.65 -2.16 29.22
N GLN A 48 -21.71 -1.30 28.84
CA GLN A 48 -21.97 0.12 28.60
C GLN A 48 -21.73 0.47 27.13
N PRO A 49 -22.45 1.42 26.55
CA PRO A 49 -22.13 1.82 25.18
C PRO A 49 -20.79 2.53 25.14
N LEU A 50 -20.24 2.59 23.93
CA LEU A 50 -18.95 3.28 23.78
C LEU A 50 -19.04 4.75 24.14
N THR A 51 -20.23 5.35 24.10
CA THR A 51 -20.41 6.72 24.55
C THR A 51 -20.09 6.89 26.04
N ARG A 52 -19.97 5.82 26.81
CA ARG A 52 -19.49 5.90 28.20
C ARG A 52 -18.30 6.84 28.31
N ILE A 53 -17.39 6.74 27.35
CA ILE A 53 -16.14 7.51 27.42
C ILE A 53 -16.44 9.00 27.54
N LEU A 54 -17.38 9.49 26.72
CA LEU A 54 -17.76 10.90 26.74
C LEU A 54 -18.56 11.27 27.99
N THR A 55 -19.59 10.47 28.30
CA THR A 55 -20.45 10.71 29.46
C THR A 55 -19.65 10.82 30.75
N VAL A 56 -18.77 9.85 30.97
CA VAL A 56 -17.95 9.85 32.18
C VAL A 56 -17.05 11.08 32.21
N GLY A 57 -16.40 11.37 31.09
CA GLY A 57 -15.51 12.52 31.09
C GLY A 57 -16.25 13.83 31.25
N VAL A 58 -17.48 13.91 30.74
CA VAL A 58 -18.27 15.11 30.93
C VAL A 58 -18.62 15.29 32.40
N GLN A 59 -18.92 14.18 33.08
CA GLN A 59 -19.24 14.28 34.50
C GLN A 59 -18.02 14.65 35.32
N SER A 60 -16.84 14.18 34.91
CA SER A 60 -15.65 14.34 35.75
C SER A 60 -14.92 15.65 35.49
N HIS A 61 -14.75 15.98 34.22
CA HIS A 61 -13.89 17.08 33.81
C HIS A 61 -14.48 17.67 32.54
N PRO A 62 -15.66 18.27 32.63
CA PRO A 62 -16.32 18.75 31.40
C PRO A 62 -15.48 19.71 30.59
N HIS A 63 -14.61 20.49 31.24
CA HIS A 63 -13.89 21.57 30.56
C HIS A 63 -12.46 21.24 30.23
N SER A 64 -11.97 20.07 30.62
CA SER A 64 -10.71 19.58 30.08
C SER A 64 -10.82 19.49 28.57
N LEU A 65 -9.69 19.69 27.89
CA LEU A 65 -9.64 19.57 26.44
C LEU A 65 -9.70 18.10 26.06
N ALA A 66 -10.60 17.78 25.13
CA ALA A 66 -10.73 16.47 24.52
C ALA A 66 -10.01 16.39 23.18
N ILE A 67 -10.17 17.39 22.32
CA ILE A 67 -9.60 17.37 20.98
C ILE A 67 -8.99 18.73 20.71
N ILE A 68 -7.77 18.74 20.19
CA ILE A 68 -7.14 19.92 19.61
C ILE A 68 -7.05 19.66 18.12
N CYS A 69 -7.56 20.59 17.34
CA CYS A 69 -7.60 20.39 15.89
C CYS A 69 -7.38 21.74 15.23
N GLY A 70 -6.20 21.93 14.64
CA GLY A 70 -5.88 23.21 14.05
C GLY A 70 -5.87 24.26 15.13
N GLU A 71 -6.69 25.29 14.95
CA GLU A 71 -6.86 26.31 15.97
C GLU A 71 -8.01 26.01 16.93
N ARG A 72 -8.67 24.87 16.80
CA ARG A 72 -9.83 24.57 17.65
C ARG A 72 -9.43 23.76 18.87
N GLN A 73 -10.13 24.02 19.97
CA GLN A 73 -9.94 23.34 21.23
C GLN A 73 -11.33 22.86 21.66
N LEU A 74 -11.59 21.55 21.54
CA LEU A 74 -12.87 20.97 21.94
C LEU A 74 -12.74 20.37 23.32
N SER A 75 -13.50 20.90 24.28
CA SER A 75 -13.57 20.28 25.60
C SER A 75 -14.47 19.04 25.56
N TYR A 76 -14.45 18.28 26.65
CA TYR A 76 -15.29 17.08 26.72
C TYR A 76 -16.77 17.43 26.61
N ILE A 77 -17.19 18.51 27.29
CA ILE A 77 -18.60 18.84 27.23
C ILE A 77 -18.97 19.42 25.86
N GLU A 78 -18.04 20.11 25.18
CA GLU A 78 -18.33 20.53 23.80
C GLU A 78 -18.46 19.32 22.89
N LEU A 79 -17.46 18.45 22.90
CA LEU A 79 -17.62 17.21 22.15
C LEU A 79 -18.97 16.56 22.49
N ASP A 80 -19.38 16.60 23.75
CA ASP A 80 -20.59 15.88 24.09
C ASP A 80 -21.81 16.60 23.53
N ARG A 81 -21.84 17.91 23.64
CA ARG A 81 -22.98 18.66 23.14
C ARG A 81 -23.03 18.64 21.61
N LEU A 82 -21.89 18.80 20.94
CA LEU A 82 -21.89 18.79 19.47
C LEU A 82 -22.37 17.46 18.93
N SER A 83 -21.91 16.35 19.51
CA SER A 83 -22.35 15.09 18.96
C SER A 83 -23.78 14.73 19.37
N THR A 84 -24.30 15.28 20.48
CA THR A 84 -25.74 15.12 20.75
C THR A 84 -26.57 15.86 19.71
N ASN A 85 -26.15 17.08 19.34
CA ASN A 85 -26.83 17.85 18.31
C ASN A 85 -26.99 17.03 17.05
N LEU A 86 -25.88 16.51 16.54
CA LEU A 86 -25.96 15.72 15.31
C LEU A 86 -26.89 14.53 15.50
N ALA A 87 -26.79 13.85 16.64
CA ALA A 87 -27.64 12.69 16.90
C ALA A 87 -29.13 13.05 16.91
N THR A 88 -29.51 14.16 17.56
CA THR A 88 -30.93 14.55 17.53
C THR A 88 -31.37 14.85 16.10
N ARG A 89 -30.51 15.48 15.30
CA ARG A 89 -30.85 15.73 13.89
C ARG A 89 -31.10 14.43 13.14
N LEU A 90 -30.23 13.42 13.32
CA LEU A 90 -30.41 12.16 12.62
C LEU A 90 -31.67 11.46 13.07
N ALA A 91 -31.90 11.38 14.38
CA ALA A 91 -33.13 10.78 14.87
C ALA A 91 -34.35 11.42 14.22
N GLU A 92 -34.44 12.75 14.28
CA GLU A 92 -35.51 13.47 13.59
C GLU A 92 -35.79 12.93 12.20
N LYS A 93 -34.79 12.37 11.52
CA LYS A 93 -34.96 11.88 10.14
C LYS A 93 -35.24 10.38 10.07
N GLY A 94 -35.55 9.73 11.19
CA GLY A 94 -35.84 8.31 11.16
C GLY A 94 -34.63 7.42 11.01
N LEU A 95 -33.43 7.94 11.27
CA LEU A 95 -32.20 7.17 11.24
C LEU A 95 -31.87 6.74 12.67
N GLY A 96 -31.77 5.44 12.88
CA GLY A 96 -31.49 4.97 14.22
C GLY A 96 -31.17 3.50 14.20
N LYS A 97 -31.54 2.80 15.26
CA LYS A 97 -31.19 1.41 15.40
C LYS A 97 -31.69 0.60 14.20
N GLY A 98 -30.82 -0.23 13.66
CA GLY A 98 -31.10 -0.98 12.46
C GLY A 98 -30.46 -0.41 11.21
N ASP A 99 -30.15 0.89 11.20
CA ASP A 99 -29.57 1.48 10.01
C ASP A 99 -28.07 1.58 10.16
N THR A 100 -27.42 1.92 9.04
CA THR A 100 -25.98 2.03 8.94
C THR A 100 -25.63 3.34 8.25
N ALA A 101 -24.40 3.79 8.49
CA ALA A 101 -23.85 4.98 7.86
C ALA A 101 -22.45 4.67 7.36
N LEU A 102 -22.10 5.33 6.26
CA LEU A 102 -20.75 5.32 5.69
C LEU A 102 -20.16 6.70 5.91
N VAL A 103 -19.05 6.78 6.65
CA VAL A 103 -18.39 8.03 6.96
C VAL A 103 -16.98 8.00 6.37
N GLN A 104 -16.58 9.09 5.71
CA GLN A 104 -15.24 9.21 5.12
C GLN A 104 -14.78 10.64 5.33
N LEU A 105 -14.09 10.88 6.44
CA LEU A 105 -13.67 12.20 6.85
C LEU A 105 -12.17 12.21 7.10
N PRO A 106 -11.49 13.37 6.88
CA PRO A 106 -10.05 13.46 7.16
C PRO A 106 -9.74 13.55 8.65
N ASN A 107 -8.48 13.80 9.00
CA ASN A 107 -8.08 13.81 10.40
C ASN A 107 -8.42 15.15 11.04
N VAL A 108 -9.72 15.34 11.30
CA VAL A 108 -10.26 16.57 11.88
C VAL A 108 -11.23 16.24 12.99
N ALA A 109 -11.52 17.24 13.84
CA ALA A 109 -12.37 17.04 15.00
C ALA A 109 -13.73 16.45 14.62
N GLU A 110 -14.31 16.90 13.51
CA GLU A 110 -15.64 16.40 13.12
C GLU A 110 -15.66 14.89 13.00
N PHE A 111 -14.51 14.25 12.75
CA PHE A 111 -14.51 12.78 12.69
C PHE A 111 -15.08 12.20 13.98
N TYR A 112 -14.58 12.68 15.12
CA TYR A 112 -15.02 12.13 16.39
C TYR A 112 -16.38 12.66 16.78
N ILE A 113 -16.69 13.91 16.42
CA ILE A 113 -18.06 14.37 16.66
C ILE A 113 -19.05 13.44 15.96
N VAL A 114 -18.74 13.06 14.73
CA VAL A 114 -19.63 12.19 13.96
C VAL A 114 -19.64 10.79 14.57
N PHE A 115 -18.47 10.29 14.96
CA PHE A 115 -18.42 8.94 15.52
C PHE A 115 -19.33 8.83 16.73
N PHE A 116 -19.17 9.74 17.67
CA PHE A 116 -19.95 9.69 18.91
C PHE A 116 -21.41 10.01 18.64
N ALA A 117 -21.70 10.76 17.56
CA ALA A 117 -23.08 11.07 17.21
C ALA A 117 -23.80 9.84 16.71
N LEU A 118 -23.14 9.04 15.85
CA LEU A 118 -23.77 7.82 15.40
C LEU A 118 -23.83 6.78 16.51
N LEU A 119 -22.80 6.70 17.35
CA LEU A 119 -22.90 5.79 18.50
C LEU A 119 -24.10 6.12 19.37
N LYS A 120 -24.36 7.41 19.60
CA LYS A 120 -25.43 7.85 20.48
C LYS A 120 -26.79 7.54 19.88
N ALA A 121 -26.89 7.67 18.56
CA ALA A 121 -28.11 7.48 17.81
C ALA A 121 -28.36 6.02 17.46
N GLY A 122 -27.41 5.12 17.68
CA GLY A 122 -27.68 3.73 17.41
C GLY A 122 -27.55 3.35 15.97
N VAL A 123 -26.89 4.19 15.18
CA VAL A 123 -26.58 3.91 13.79
C VAL A 123 -25.22 3.22 13.72
N VAL A 124 -25.17 2.08 13.05
CA VAL A 124 -23.91 1.32 12.94
C VAL A 124 -23.08 1.93 11.82
N VAL A 125 -21.90 2.48 12.17
CA VAL A 125 -21.11 3.27 11.21
C VAL A 125 -19.93 2.45 10.73
N LEU A 126 -19.65 2.55 9.44
CA LEU A 126 -18.40 2.14 8.82
C LEU A 126 -17.61 3.39 8.48
N ASN A 127 -16.43 3.54 9.07
CA ASN A 127 -15.54 4.67 8.78
C ASN A 127 -14.59 4.25 7.66
N ALA A 128 -14.82 4.76 6.45
CA ALA A 128 -13.89 4.50 5.37
C ALA A 128 -12.61 5.31 5.60
N LEU A 129 -11.48 4.81 5.06
CA LEU A 129 -10.28 5.64 5.12
C LEU A 129 -10.45 6.79 4.15
N TYR A 130 -9.95 7.97 4.54
CA TYR A 130 -9.99 9.09 3.62
C TYR A 130 -9.24 8.78 2.32
N SER A 131 -8.35 7.79 2.31
CA SER A 131 -7.62 7.41 1.11
C SER A 131 -8.39 6.46 0.20
N HIS A 132 -9.48 5.85 0.70
CA HIS A 132 -10.31 5.01 -0.14
C HIS A 132 -10.95 5.81 -1.26
N ARG A 133 -11.13 5.16 -2.41
CA ARG A 133 -11.66 5.82 -3.60
C ARG A 133 -13.00 5.17 -3.99
N GLN A 134 -13.50 5.52 -5.18
CA GLN A 134 -14.87 5.16 -5.57
C GLN A 134 -15.11 3.66 -5.50
N TYR A 135 -14.10 2.88 -5.87
CA TYR A 135 -14.24 1.43 -5.90
C TYR A 135 -14.55 0.89 -4.52
N GLU A 136 -13.75 1.28 -3.52
CA GLU A 136 -13.95 0.79 -2.16
C GLU A 136 -15.27 1.27 -1.59
N LEU A 137 -15.53 2.58 -1.69
CA LEU A 137 -16.76 3.16 -1.17
C LEU A 137 -17.98 2.45 -1.75
N ASN A 138 -17.97 2.27 -3.08
CA ASN A 138 -18.99 1.47 -3.74
C ASN A 138 -19.18 0.12 -3.07
N ALA A 139 -18.07 -0.60 -2.83
CA ALA A 139 -18.19 -1.92 -2.24
C ALA A 139 -18.77 -1.86 -0.84
N PHE A 140 -18.36 -0.86 -0.05
CA PHE A 140 -18.93 -0.69 1.28
C PHE A 140 -20.43 -0.40 1.20
N ILE A 141 -20.84 0.50 0.31
CA ILE A 141 -22.25 0.88 0.21
C ILE A 141 -23.08 -0.32 -0.18
N LYS A 142 -22.57 -1.13 -1.11
CA LYS A 142 -23.31 -2.33 -1.49
C LYS A 142 -23.49 -3.23 -0.29
N GLN A 143 -22.47 -3.31 0.57
CA GLN A 143 -22.50 -4.28 1.65
C GLN A 143 -23.37 -3.87 2.82
N ILE A 144 -23.33 -2.60 3.23
CA ILE A 144 -24.10 -2.18 4.40
C ILE A 144 -25.34 -1.36 4.03
N GLN A 145 -25.54 -1.05 2.75
CA GLN A 145 -26.67 -0.27 2.26
C GLN A 145 -26.99 0.88 3.22
N PRO A 146 -26.08 1.83 3.41
CA PRO A 146 -26.30 2.89 4.42
C PRO A 146 -27.42 3.83 4.00
N LYS A 147 -28.16 4.32 5.00
CA LYS A 147 -29.11 5.40 4.80
C LYS A 147 -28.50 6.77 5.08
N LEU A 148 -27.26 6.82 5.55
CA LEU A 148 -26.52 8.05 5.77
C LEU A 148 -25.13 7.91 5.17
N LEU A 149 -24.74 8.89 4.38
CA LEU A 149 -23.37 8.99 3.88
C LEU A 149 -22.82 10.33 4.34
N ILE A 150 -21.61 10.31 4.90
CA ILE A 150 -20.97 11.54 5.34
C ILE A 150 -19.58 11.59 4.73
N GLY A 151 -19.34 12.57 3.86
CA GLY A 151 -18.04 12.72 3.25
C GLY A 151 -17.58 14.16 3.18
N SER A 152 -16.55 14.44 2.39
CA SER A 152 -16.05 15.79 2.24
C SER A 152 -16.00 16.18 0.78
N ARG A 153 -16.45 17.40 0.48
CA ARG A 153 -16.40 17.89 -0.89
C ARG A 153 -14.97 18.08 -1.40
N GLN A 154 -13.96 18.19 -0.52
CA GLN A 154 -12.59 18.27 -1.01
C GLN A 154 -12.02 16.92 -1.37
N HIS A 155 -12.70 15.84 -1.01
CA HIS A 155 -12.27 14.52 -1.43
C HIS A 155 -12.52 14.33 -2.91
N GLU A 156 -11.58 13.68 -3.57
CA GLU A 156 -11.67 13.47 -5.01
C GLU A 156 -13.04 12.89 -5.40
N VAL A 157 -13.56 11.97 -4.59
CA VAL A 157 -14.75 11.21 -4.97
C VAL A 157 -16.02 12.06 -4.92
N PHE A 158 -16.05 13.07 -4.05
CA PHE A 158 -17.19 13.98 -3.95
C PHE A 158 -16.86 15.35 -4.50
N SER A 159 -15.81 15.44 -5.35
CA SER A 159 -15.47 16.70 -5.97
C SER A 159 -16.54 17.13 -6.96
N ASN A 160 -17.12 16.17 -7.66
CA ASN A 160 -18.32 16.38 -8.46
C ASN A 160 -19.42 15.46 -7.93
N ASN A 161 -20.55 15.45 -8.64
CA ASN A 161 -21.73 14.70 -8.22
C ASN A 161 -21.83 13.34 -8.89
N GLN A 162 -20.76 12.88 -9.52
CA GLN A 162 -20.83 11.68 -10.35
C GLN A 162 -21.01 10.42 -9.52
N PHE A 163 -20.26 10.30 -8.41
CA PHE A 163 -20.36 9.10 -7.58
C PHE A 163 -21.72 9.02 -6.89
N ILE A 164 -22.16 10.13 -6.30
CA ILE A 164 -23.47 10.19 -5.66
C ILE A 164 -24.58 9.92 -6.68
N ASP A 165 -24.37 10.32 -7.94
CA ASP A 165 -25.35 10.07 -8.99
C ASP A 165 -25.39 8.60 -9.36
N SER A 166 -24.22 7.97 -9.51
CA SER A 166 -24.15 6.56 -9.83
C SER A 166 -24.95 5.71 -8.83
N LEU A 167 -25.12 6.20 -7.60
CA LEU A 167 -25.82 5.43 -6.56
C LEU A 167 -27.33 5.39 -6.81
N HIS A 168 -27.89 6.48 -7.34
CA HIS A 168 -29.29 6.47 -7.73
CA HIS A 168 -29.29 6.45 -7.72
C HIS A 168 -29.55 5.36 -8.75
N ASP A 169 -28.68 5.27 -9.77
CA ASP A 169 -28.83 4.26 -10.82
C ASP A 169 -28.98 2.86 -10.22
N VAL A 170 -28.20 2.55 -9.20
CA VAL A 170 -28.13 1.19 -8.65
C VAL A 170 -29.06 1.01 -7.46
N ASN A 171 -29.93 1.98 -7.18
CA ASN A 171 -30.88 1.88 -6.06
C ASN A 171 -30.18 1.81 -4.70
N LEU A 172 -29.06 2.53 -4.57
CA LEU A 172 -28.32 2.60 -3.31
C LEU A 172 -28.15 4.03 -2.81
N SER A 173 -28.87 5.00 -3.37
CA SER A 173 -28.83 6.35 -2.82
C SER A 173 -29.13 6.31 -1.34
N PRO A 174 -28.32 6.95 -0.48
CA PRO A 174 -28.73 7.11 0.91
C PRO A 174 -29.83 8.14 1.03
N GLU A 175 -30.52 8.10 2.17
CA GLU A 175 -31.58 9.08 2.44
C GLU A 175 -30.99 10.44 2.80
N ILE A 176 -29.88 10.45 3.52
CA ILE A 176 -29.21 11.67 3.93
C ILE A 176 -27.76 11.59 3.49
N ILE A 177 -27.28 12.66 2.88
CA ILE A 177 -25.86 12.89 2.63
C ILE A 177 -25.54 14.20 3.33
N LEU A 178 -24.61 14.15 4.27
CA LEU A 178 -24.02 15.33 4.88
C LEU A 178 -22.62 15.51 4.31
N MET A 179 -22.27 16.75 3.96
CA MET A 179 -20.97 17.03 3.38
C MET A 179 -20.18 18.05 4.20
N LEU A 180 -18.92 17.71 4.48
CA LEU A 180 -17.92 18.67 4.93
C LEU A 180 -17.45 19.53 3.76
N ASN A 181 -17.02 20.75 4.09
CA ASN A 181 -16.66 21.74 3.08
C ASN A 181 -17.73 21.74 1.98
N HIS A 182 -18.97 21.92 2.40
CA HIS A 182 -20.14 21.63 1.60
C HIS A 182 -20.43 22.75 0.60
N GLN A 183 -21.20 22.39 -0.43
CA GLN A 183 -21.75 23.32 -1.40
C GLN A 183 -23.08 23.90 -0.88
N ALA A 184 -23.53 24.97 -1.53
CA ALA A 184 -24.80 25.60 -1.14
C ALA A 184 -25.97 24.66 -1.35
N THR A 185 -25.88 23.75 -2.32
CA THR A 185 -26.92 22.76 -2.52
C THR A 185 -26.95 21.72 -1.39
N ASP A 186 -25.79 21.40 -0.81
CA ASP A 186 -25.65 20.26 0.10
C ASP A 186 -26.23 20.54 1.49
N PHE A 187 -26.46 19.47 2.24
CA PHE A 187 -26.58 19.57 3.67
C PHE A 187 -25.18 19.75 4.25
N GLY A 188 -24.97 20.82 4.99
CA GLY A 188 -23.66 21.07 5.55
C GLY A 188 -23.45 20.29 6.83
N LEU A 189 -22.45 19.41 6.86
CA LEU A 189 -22.19 18.61 8.05
C LEU A 189 -22.04 19.51 9.28
N LEU A 190 -21.36 20.65 9.11
CA LEU A 190 -21.15 21.55 10.23
C LEU A 190 -22.45 22.22 10.65
N ASP A 191 -23.42 22.35 9.73
CA ASP A 191 -24.72 22.91 10.10
C ASP A 191 -25.50 21.95 10.98
N TRP A 192 -25.39 20.64 10.71
CA TRP A 192 -26.08 19.65 11.51
C TRP A 192 -25.37 19.37 12.83
N ILE A 193 -24.15 19.85 12.98
CA ILE A 193 -23.47 19.71 14.25
C ILE A 193 -23.74 20.91 15.13
N GLU A 194 -23.86 22.10 14.51
CA GLU A 194 -23.86 23.35 15.27
C GLU A 194 -25.14 23.54 16.08
N THR A 195 -26.25 22.95 15.63
CA THR A 195 -27.55 23.20 16.22
C THR A 195 -28.33 21.90 16.37
N PRO A 196 -29.04 21.70 17.47
CA PRO A 196 -29.84 20.48 17.61
C PRO A 196 -31.14 20.59 16.81
N ALA A 197 -31.80 19.45 16.66
CA ALA A 197 -33.04 19.40 15.89
C ALA A 197 -34.12 20.29 16.50
N GLU A 198 -35.11 20.63 15.69
CA GLU A 198 -36.25 21.43 16.15
C GLU A 198 -37.24 20.60 16.97
N THR A 199 -37.44 19.32 16.65
CA THR A 199 -38.36 18.47 17.38
C THR A 199 -37.63 17.34 18.07
N PHE A 200 -38.21 16.83 19.16
CA PHE A 200 -37.60 15.77 19.94
C PHE A 200 -38.05 14.44 19.37
N VAL A 201 -37.08 13.58 19.03
CA VAL A 201 -37.35 12.17 18.79
C VAL A 201 -36.39 11.40 19.68
N ASP A 202 -36.89 10.36 20.32
CA ASP A 202 -36.04 9.60 21.21
C ASP A 202 -34.98 8.83 20.44
N PHE A 203 -33.89 8.52 21.13
CA PHE A 203 -32.85 7.71 20.51
C PHE A 203 -31.97 7.15 21.62
N SER A 204 -31.16 6.16 21.25
CA SER A 204 -30.25 5.48 22.17
C SER A 204 -29.26 4.66 21.36
N SER A 205 -28.15 4.32 22.00
CA SER A 205 -27.15 3.45 21.39
C SER A 205 -27.72 2.07 21.14
N THR A 206 -27.06 1.32 20.26
CA THR A 206 -27.36 -0.09 20.17
C THR A 206 -26.92 -0.78 21.46
N PRO A 207 -27.53 -1.92 21.81
CA PRO A 207 -27.20 -2.56 23.08
C PRO A 207 -25.73 -2.94 23.17
N ALA A 208 -25.21 -2.92 24.40
CA ALA A 208 -23.76 -2.96 24.54
C ALA A 208 -23.19 -4.25 23.99
N ASP A 209 -23.98 -5.34 23.98
CA ASP A 209 -23.46 -6.56 23.38
C ASP A 209 -23.91 -6.75 21.95
N GLU A 210 -24.36 -5.68 21.28
CA GLU A 210 -24.67 -5.72 19.85
C GLU A 210 -23.64 -4.86 19.11
N VAL A 211 -23.76 -4.84 17.80
CA VAL A 211 -22.78 -4.16 16.99
C VAL A 211 -22.89 -2.67 17.25
N ALA A 212 -21.74 -2.04 17.50
CA ALA A 212 -21.58 -0.59 17.56
C ALA A 212 -21.12 -0.02 16.22
N PHE A 213 -20.12 -0.62 15.60
CA PHE A 213 -19.65 -0.15 14.30
C PHE A 213 -18.84 -1.24 13.62
N PHE A 214 -18.44 -0.95 12.38
CA PHE A 214 -17.64 -1.84 11.56
C PHE A 214 -16.22 -1.32 11.49
N GLN A 215 -15.28 -2.16 11.84
CA GLN A 215 -13.87 -1.97 11.55
C GLN A 215 -13.59 -2.58 10.16
N LEU A 216 -12.39 -2.35 9.62
CA LEU A 216 -12.00 -2.86 8.30
C LEU A 216 -10.75 -3.70 8.46
N SER A 217 -10.70 -4.85 7.79
CA SER A 217 -9.47 -5.64 7.84
C SER A 217 -8.34 -4.95 7.08
N GLY A 218 -7.12 -5.32 7.42
CA GLY A 218 -5.91 -4.89 6.71
C GLY A 218 -5.33 -6.09 6.00
N GLY A 219 -4.93 -5.90 4.75
CA GLY A 219 -4.25 -6.96 4.07
C GLY A 219 -5.13 -7.99 3.37
N SER A 220 -6.45 -7.91 3.48
CA SER A 220 -7.26 -8.85 2.69
C SER A 220 -7.09 -8.57 1.19
N THR A 221 -7.44 -9.56 0.37
CA THR A 221 -7.02 -9.53 -1.03
C THR A 221 -7.65 -8.34 -1.77
N GLY A 222 -8.97 -8.28 -1.79
CA GLY A 222 -9.65 -7.17 -2.44
C GLY A 222 -9.96 -6.04 -1.49
N THR A 223 -11.18 -5.52 -1.55
CA THR A 223 -11.54 -4.44 -0.65
C THR A 223 -11.58 -4.96 0.80
N PRO A 224 -11.29 -4.09 1.77
CA PRO A 224 -11.26 -4.53 3.17
C PRO A 224 -12.58 -5.15 3.61
N LYS A 225 -12.47 -6.22 4.39
CA LYS A 225 -13.64 -6.93 4.90
C LYS A 225 -14.15 -6.27 6.18
N LEU A 226 -15.47 -6.29 6.33
CA LEU A 226 -16.13 -5.60 7.43
C LEU A 226 -16.05 -6.42 8.71
N ILE A 227 -15.62 -5.79 9.79
CA ILE A 227 -15.43 -6.45 11.07
C ILE A 227 -16.40 -5.84 12.07
N PRO A 228 -17.51 -6.53 12.38
CA PRO A 228 -18.44 -5.99 13.39
C PRO A 228 -17.74 -5.93 14.74
N ARG A 229 -17.84 -4.77 15.40
CA ARG A 229 -17.31 -4.60 16.75
C ARG A 229 -18.45 -4.20 17.65
N THR A 230 -18.56 -4.84 18.82
CA THR A 230 -19.61 -4.48 19.75
C THR A 230 -19.09 -3.42 20.73
N HIS A 231 -20.01 -2.72 21.38
CA HIS A 231 -19.62 -1.77 22.41
C HIS A 231 -18.81 -2.45 23.49
N ASN A 232 -19.25 -3.62 23.94
CA ASN A 232 -18.56 -4.34 25.01
C ASN A 232 -17.10 -4.59 24.67
N ASP A 233 -16.85 -5.22 23.52
CA ASP A 233 -15.48 -5.66 23.22
C ASP A 233 -14.59 -4.48 22.83
N TYR A 234 -15.12 -3.47 22.11
CA TYR A 234 -14.27 -2.33 21.77
C TYR A 234 -13.94 -1.51 23.00
N ASP A 235 -14.95 -1.23 23.85
CA ASP A 235 -14.66 -0.47 25.06
C ASP A 235 -13.64 -1.21 25.91
N TYR A 236 -13.71 -2.55 25.97
CA TYR A 236 -12.76 -3.28 26.79
C TYR A 236 -11.35 -3.05 26.28
N SER A 237 -11.14 -3.25 24.98
CA SER A 237 -9.81 -3.10 24.39
C SER A 237 -9.26 -1.70 24.61
N VAL A 238 -10.13 -0.69 24.53
CA VAL A 238 -9.76 0.70 24.78
C VAL A 238 -9.34 0.91 26.23
N ARG A 239 -10.16 0.43 27.19
CA ARG A 239 -9.82 0.65 28.59
C ARG A 239 -8.55 -0.10 28.97
N ALA A 240 -8.44 -1.33 28.49
CA ALA A 240 -7.31 -2.17 28.84
C ALA A 240 -6.05 -1.64 28.17
N SER A 241 -6.16 -1.13 26.94
CA SER A 241 -5.01 -0.53 26.28
C SER A 241 -4.56 0.73 27.00
N ALA A 242 -5.53 1.54 27.45
CA ALA A 242 -5.17 2.80 28.09
C ALA A 242 -4.43 2.54 29.39
N GLU A 243 -4.81 1.50 30.11
CA GLU A 243 -4.08 1.15 31.31
C GLU A 243 -2.66 0.69 30.97
N ILE A 244 -2.53 -0.22 30.00
CA ILE A 244 -1.21 -0.75 29.68
C ILE A 244 -0.28 0.38 29.23
N CYS A 245 -0.80 1.30 28.43
CA CYS A 245 0.03 2.40 27.94
C CYS A 245 0.22 3.51 28.96
N GLY A 246 -0.37 3.39 30.14
CA GLY A 246 -0.24 4.38 31.21
C GLY A 246 -0.82 5.75 30.93
N LEU A 247 -1.86 5.84 30.11
CA LEU A 247 -2.47 7.13 29.83
C LEU A 247 -3.07 7.75 31.08
N ASN A 248 -3.12 9.08 31.11
CA ASN A 248 -3.84 9.78 32.17
C ASN A 248 -4.36 11.09 31.61
N SER A 249 -4.83 11.96 32.50
CA SER A 249 -5.46 13.18 32.03
C SER A 249 -4.47 14.19 31.44
N ASN A 250 -3.16 13.95 31.58
CA ASN A 250 -2.15 14.82 30.96
C ASN A 250 -1.61 14.26 29.66
N THR A 251 -2.11 13.10 29.25
CA THR A 251 -1.76 12.56 27.95
C THR A 251 -2.30 13.46 26.85
N ARG A 252 -1.42 13.82 25.93
CA ARG A 252 -1.78 14.54 24.71
C ARG A 252 -1.21 13.70 23.59
N LEU A 253 -2.10 13.05 22.84
CA LEU A 253 -1.72 12.05 21.85
C LEU A 253 -1.84 12.65 20.45
N LEU A 254 -0.74 12.64 19.71
CA LEU A 254 -0.79 13.03 18.31
C LEU A 254 -1.55 11.98 17.52
N CYS A 255 -2.58 12.41 16.80
CA CYS A 255 -3.32 11.55 15.89
CA CYS A 255 -3.31 11.54 15.89
C CYS A 255 -2.89 11.90 14.47
N ALA A 256 -1.77 11.32 14.04
CA ALA A 256 -1.19 11.53 12.72
C ALA A 256 -1.52 10.41 11.74
N LEU A 257 -1.75 9.19 12.23
CA LEU A 257 -2.23 8.09 11.39
C LEU A 257 -3.71 8.31 11.10
N PRO A 258 -4.29 7.57 10.15
CA PRO A 258 -5.71 7.76 9.82
C PRO A 258 -6.59 7.50 11.04
N ALA A 259 -7.40 8.51 11.40
CA ALA A 259 -8.23 8.40 12.60
C ALA A 259 -9.11 7.16 12.62
N PRO A 260 -9.71 6.72 11.53
CA PRO A 260 -10.56 5.52 11.62
C PRO A 260 -9.76 4.26 11.89
N HIS A 261 -8.43 4.23 11.65
CA HIS A 261 -7.69 2.98 11.73
C HIS A 261 -7.69 2.43 13.16
N ASN A 262 -7.81 1.10 13.30
CA ASN A 262 -7.89 0.50 14.63
C ASN A 262 -6.74 0.97 15.52
N PHE A 263 -5.52 1.02 14.96
CA PHE A 263 -4.34 1.46 15.70
C PHE A 263 -4.57 2.84 16.31
N MET A 264 -4.97 3.81 15.47
CA MET A 264 -5.14 5.20 15.89
C MET A 264 -6.37 5.40 16.76
N LEU A 265 -7.32 4.47 16.74
CA LEU A 265 -8.61 4.70 17.37
C LEU A 265 -8.74 4.04 18.74
N SER A 266 -8.07 2.91 18.94
CA SER A 266 -8.27 2.13 20.14
C SER A 266 -7.01 1.50 20.75
N CYS A 267 -5.82 1.72 20.22
CA CYS A 267 -4.65 0.92 20.62
C CYS A 267 -3.48 1.77 21.09
N PRO A 268 -3.66 2.64 22.07
CA PRO A 268 -4.91 2.97 22.80
C PRO A 268 -5.70 4.00 22.02
N GLY A 269 -5.05 4.74 21.12
CA GLY A 269 -5.78 5.55 20.17
C GLY A 269 -6.52 6.70 20.83
N ALA A 270 -7.23 7.46 19.98
CA ALA A 270 -8.03 8.57 20.49
C ALA A 270 -8.98 8.11 21.58
N LEU A 271 -9.61 6.94 21.40
CA LEU A 271 -10.62 6.52 22.39
C LEU A 271 -9.96 6.21 23.73
N GLY A 272 -8.72 5.69 23.69
CA GLY A 272 -8.04 5.42 24.93
C GLY A 272 -7.72 6.71 25.64
N VAL A 273 -7.30 7.72 24.88
CA VAL A 273 -6.93 8.99 25.50
C VAL A 273 -8.15 9.63 26.12
N LEU A 274 -9.28 9.57 25.43
CA LEU A 274 -10.53 10.11 26.00
C LEU A 274 -10.96 9.28 27.19
N HIS A 275 -10.84 7.96 27.09
CA HIS A 275 -11.11 7.15 28.26
C HIS A 275 -10.35 7.64 29.47
N ALA A 276 -9.08 8.06 29.28
CA ALA A 276 -8.19 8.48 30.36
C ALA A 276 -8.34 9.94 30.70
N GLY A 277 -9.16 10.69 29.96
CA GLY A 277 -9.41 12.07 30.28
C GLY A 277 -8.41 13.02 29.68
N GLY A 278 -7.55 12.55 28.79
CA GLY A 278 -6.56 13.37 28.13
C GLY A 278 -7.08 14.06 26.89
N CYS A 279 -6.20 14.31 25.96
CA CYS A 279 -6.52 15.13 24.80
C CYS A 279 -5.84 14.56 23.56
N VAL A 280 -6.60 14.54 22.47
CA VAL A 280 -6.14 14.10 21.16
C VAL A 280 -5.82 15.36 20.38
N VAL A 281 -4.66 15.37 19.72
CA VAL A 281 -4.15 16.50 18.94
C VAL A 281 -4.10 16.02 17.49
N MET A 282 -4.87 16.66 16.62
CA MET A 282 -4.98 16.15 15.26
C MET A 282 -3.82 16.64 14.41
N ALA A 283 -3.35 15.79 13.50
CA ALA A 283 -2.46 16.14 12.40
C ALA A 283 -3.03 15.54 11.12
N PRO A 284 -2.89 16.22 9.97
CA PRO A 284 -3.42 15.64 8.72
C PRO A 284 -2.78 14.32 8.35
N ASN A 285 -1.48 14.16 8.61
CA ASN A 285 -0.70 12.99 8.22
C ASN A 285 0.61 13.02 9.00
N PRO A 286 1.48 12.05 8.84
CA PRO A 286 2.71 12.02 9.66
C PRO A 286 3.87 12.81 9.07
N GLU A 287 3.65 13.69 8.10
CA GLU A 287 4.76 14.46 7.55
C GLU A 287 5.53 15.12 8.69
N PRO A 288 6.87 14.97 8.75
CA PRO A 288 7.56 15.29 10.01
C PRO A 288 7.58 16.76 10.36
N LEU A 289 7.82 17.65 9.41
CA LEU A 289 7.99 19.04 9.79
C LEU A 289 6.70 19.58 10.39
N ASN A 290 5.56 19.27 9.78
CA ASN A 290 4.30 19.74 10.32
C ASN A 290 3.97 19.06 11.66
N CYS A 291 4.16 17.74 11.73
CA CYS A 291 3.96 17.03 12.99
C CYS A 291 4.82 17.60 14.11
N PHE A 292 6.09 17.90 13.81
CA PHE A 292 7.00 18.43 14.81
C PHE A 292 6.49 19.77 15.30
N SER A 293 6.00 20.60 14.39
CA SER A 293 5.41 21.87 14.78
C SER A 293 4.19 21.69 15.71
N ILE A 294 3.31 20.75 15.39
CA ILE A 294 2.14 20.52 16.24
C ILE A 294 2.58 20.02 17.61
N ILE A 295 3.55 19.11 17.64
CA ILE A 295 4.07 18.56 18.90
C ILE A 295 4.61 19.68 19.78
N GLN A 296 5.43 20.56 19.20
CA GLN A 296 5.97 21.67 19.97
C GLN A 296 4.84 22.60 20.45
N ARG A 297 3.92 22.94 19.54
CA ARG A 297 2.89 23.93 19.87
C ARG A 297 1.97 23.44 20.99
N HIS A 298 1.57 22.18 20.95
CA HIS A 298 0.60 21.70 21.93
C HIS A 298 1.25 20.80 22.99
N GLN A 299 2.58 20.68 22.96
CA GLN A 299 3.37 19.87 23.89
C GLN A 299 2.84 18.44 23.94
N VAL A 300 2.59 17.92 22.75
CA VAL A 300 2.27 16.51 22.57
C VAL A 300 3.26 15.66 23.34
N ASN A 301 2.78 14.68 24.08
CA ASN A 301 3.69 13.80 24.79
C ASN A 301 3.53 12.36 24.37
N MET A 302 2.67 12.06 23.40
CA MET A 302 2.53 10.69 22.93
C MET A 302 2.22 10.72 21.45
N ALA A 303 2.76 9.72 20.73
CA ALA A 303 2.41 9.57 19.32
C ALA A 303 2.38 8.09 18.97
N SER A 304 1.74 7.78 17.84
CA SER A 304 1.59 6.41 17.35
C SER A 304 1.90 6.42 15.88
N LEU A 305 2.80 5.55 15.43
CA LEU A 305 3.20 5.59 14.04
C LEU A 305 3.43 4.19 13.52
N VAL A 306 3.39 4.09 12.20
CA VAL A 306 3.81 2.87 11.50
C VAL A 306 5.28 3.03 11.17
N PRO A 307 6.01 1.95 10.91
CA PRO A 307 7.46 2.04 10.70
C PRO A 307 7.89 3.04 9.63
N SER A 308 7.18 3.11 8.49
CA SER A 308 7.60 4.03 7.43
C SER A 308 7.57 5.48 7.90
N ALA A 309 6.65 5.82 8.81
CA ALA A 309 6.54 7.17 9.33
C ALA A 309 7.62 7.44 10.37
N VAL A 310 7.98 6.40 11.15
CA VAL A 310 9.10 6.53 12.06
C VAL A 310 10.36 6.86 11.29
N ILE A 311 10.57 6.19 10.16
CA ILE A 311 11.77 6.48 9.39
C ILE A 311 11.78 7.94 8.97
N MET A 312 10.64 8.45 8.51
CA MET A 312 10.63 9.86 8.11
C MET A 312 10.98 10.75 9.27
N TRP A 313 10.38 10.51 10.45
CA TRP A 313 10.70 11.32 11.62
C TRP A 313 12.17 11.19 11.98
N LEU A 314 12.67 9.96 12.02
CA LEU A 314 14.06 9.71 12.37
C LEU A 314 14.97 10.57 11.52
N GLU A 315 14.59 10.77 10.25
CA GLU A 315 15.47 11.52 9.34
C GLU A 315 15.46 13.01 9.61
N LYS A 316 14.44 13.57 10.28
CA LYS A 316 14.47 15.00 10.56
C LYS A 316 14.77 15.34 12.02
N ALA A 317 14.75 14.35 12.92
CA ALA A 317 14.65 14.65 14.35
C ALA A 317 15.87 15.37 14.89
N ALA A 318 17.08 15.12 14.37
CA ALA A 318 18.24 15.85 14.87
C ALA A 318 18.10 17.35 14.67
N GLN A 319 17.80 17.79 13.44
CA GLN A 319 17.52 19.21 13.21
C GLN A 319 16.53 19.78 14.24
N TYR A 320 15.50 19.02 14.59
CA TYR A 320 14.37 19.56 15.33
C TYR A 320 14.27 19.04 16.75
N LYS A 321 15.38 18.59 17.34
CA LYS A 321 15.29 17.96 18.65
C LYS A 321 14.42 18.78 19.58
N ASP A 322 14.51 20.11 19.51
CA ASP A 322 13.83 20.97 20.47
C ASP A 322 12.32 20.88 20.31
N GLN A 323 11.85 20.76 19.07
CA GLN A 323 10.42 20.78 18.85
C GLN A 323 9.77 19.52 19.38
N ILE A 324 10.51 18.42 19.43
CA ILE A 324 9.90 17.16 19.79
C ILE A 324 10.37 16.67 21.15
N GLN A 325 11.05 17.50 21.94
CA GLN A 325 11.49 17.07 23.26
C GLN A 325 10.33 16.51 24.11
N SER A 326 9.13 17.11 24.01
CA SER A 326 8.04 16.75 24.92
C SER A 326 7.46 15.38 24.64
N LEU A 327 7.77 14.77 23.49
CA LEU A 327 7.29 13.42 23.26
C LEU A 327 7.80 12.52 24.36
N LYS A 328 6.91 11.78 25.01
CA LYS A 328 7.36 10.86 26.04
C LYS A 328 7.27 9.41 25.62
N LEU A 329 6.40 9.09 24.69
CA LEU A 329 6.13 7.69 24.37
C LEU A 329 5.71 7.65 22.93
N LEU A 330 6.28 6.72 22.17
CA LEU A 330 5.95 6.48 20.77
C LEU A 330 5.55 5.02 20.67
N GLN A 331 4.32 4.76 20.22
CA GLN A 331 3.98 3.40 19.84
C GLN A 331 4.30 3.21 18.37
N VAL A 332 4.84 2.04 18.04
CA VAL A 332 5.14 1.71 16.65
C VAL A 332 4.56 0.34 16.35
N GLY A 333 3.80 0.26 15.25
CA GLY A 333 3.25 -1.03 14.88
C GLY A 333 2.72 -0.89 13.47
N GLY A 334 2.24 -2.01 12.92
CA GLY A 334 1.57 -2.00 11.64
C GLY A 334 2.36 -2.54 10.47
N ALA A 335 3.66 -2.79 10.64
CA ALA A 335 4.55 -3.33 9.61
C ALA A 335 5.82 -3.74 10.34
N SER A 336 6.65 -4.51 9.67
CA SER A 336 7.83 -5.00 10.35
C SER A 336 8.75 -3.84 10.74
N PHE A 337 9.38 -3.98 11.90
CA PHE A 337 10.07 -2.87 12.55
C PHE A 337 11.39 -3.42 13.05
N PRO A 338 12.43 -3.38 12.21
CA PRO A 338 13.69 -4.05 12.58
C PRO A 338 14.29 -3.48 13.86
N GLU A 339 15.02 -4.34 14.57
CA GLU A 339 15.65 -3.95 15.83
C GLU A 339 16.55 -2.73 15.66
N SER A 340 17.28 -2.64 14.54
CA SER A 340 18.19 -1.52 14.35
C SER A 340 17.43 -0.20 14.36
N LEU A 341 16.22 -0.21 13.83
CA LEU A 341 15.40 1.00 13.81
C LEU A 341 14.75 1.24 15.17
N ALA A 342 14.23 0.20 15.79
CA ALA A 342 13.67 0.33 17.14
C ALA A 342 14.65 1.05 18.08
N ARG A 343 15.91 0.64 18.07
CA ARG A 343 16.93 1.23 18.95
C ARG A 343 17.17 2.71 18.69
N GLN A 344 16.78 3.22 17.52
CA GLN A 344 16.98 4.64 17.22
C GLN A 344 15.91 5.52 17.86
N VAL A 345 14.78 4.95 18.23
CA VAL A 345 13.67 5.75 18.74
C VAL A 345 14.11 6.49 20.01
N PRO A 346 14.56 5.82 21.09
CA PRO A 346 15.03 6.61 22.23
C PRO A 346 16.26 7.46 21.94
N GLU A 347 17.16 7.04 21.05
CA GLU A 347 18.41 7.79 20.84
C GLU A 347 18.15 9.09 20.08
N VAL A 348 17.22 9.05 19.14
CA VAL A 348 17.03 10.12 18.18
C VAL A 348 15.75 10.90 18.44
N LEU A 349 14.63 10.20 18.73
CA LEU A 349 13.38 10.86 19.07
C LEU A 349 13.28 11.22 20.54
N ASN A 350 14.20 10.71 21.36
CA ASN A 350 14.27 11.12 22.75
C ASN A 350 12.94 10.81 23.44
N CYS A 351 12.47 9.59 23.28
CA CYS A 351 11.26 9.14 23.96
C CYS A 351 11.30 7.64 24.06
N LYS A 352 10.39 7.11 24.89
CA LYS A 352 10.27 5.69 25.13
C LYS A 352 9.62 5.02 23.94
N LEU A 353 10.02 3.77 23.68
CA LEU A 353 9.42 2.99 22.62
C LEU A 353 8.41 1.99 23.19
N GLN A 354 7.27 1.86 22.51
CA GLN A 354 6.38 0.76 22.79
C GLN A 354 6.01 0.14 21.46
N GLN A 355 6.27 -1.15 21.30
CA GLN A 355 5.89 -1.85 20.09
C GLN A 355 4.49 -2.42 20.25
N ALA A 356 3.72 -2.34 19.18
CA ALA A 356 2.35 -2.79 19.18
C ALA A 356 2.17 -3.66 17.95
N PHE A 357 1.57 -4.81 18.14
CA PHE A 357 1.20 -5.70 17.06
C PHE A 357 -0.27 -6.02 17.31
N GLY A 358 -1.17 -5.52 16.47
CA GLY A 358 -2.59 -5.77 16.61
C GLY A 358 -3.24 -5.98 15.26
N MET A 359 -4.55 -6.20 15.28
CA MET A 359 -5.31 -6.34 14.05
C MET A 359 -6.71 -5.81 14.34
N ALA A 360 -7.34 -5.23 13.32
CA ALA A 360 -8.69 -4.73 13.52
C ALA A 360 -9.65 -5.86 13.91
N GLU A 361 -9.32 -7.12 13.60
CA GLU A 361 -10.15 -8.26 13.96
C GLU A 361 -10.20 -8.49 15.46
N GLY A 362 -9.30 -7.88 16.23
CA GLY A 362 -9.29 -8.09 17.67
C GLY A 362 -7.90 -7.98 18.30
N LEU A 363 -7.22 -9.12 18.47
CA LEU A 363 -6.03 -9.24 19.31
C LEU A 363 -5.07 -8.07 19.12
N VAL A 364 -4.61 -7.50 20.24
CA VAL A 364 -3.60 -6.47 20.29
C VAL A 364 -2.53 -6.86 21.28
N ASN A 365 -1.25 -6.76 20.88
CA ASN A 365 -0.10 -6.99 21.73
C ASN A 365 0.68 -5.71 21.90
N TYR A 366 1.19 -5.48 23.10
CA TYR A 366 2.05 -4.35 23.41
C TYR A 366 3.24 -4.85 24.20
N THR A 367 4.43 -4.32 23.91
CA THR A 367 5.48 -4.35 24.91
C THR A 367 4.98 -3.52 26.08
N ARG A 368 5.30 -3.95 27.29
CA ARG A 368 4.88 -3.17 28.45
C ARG A 368 5.90 -2.08 28.71
N LEU A 369 5.46 -1.05 29.45
CA LEU A 369 6.36 0.08 29.71
C LEU A 369 7.51 -0.31 30.62
N ASP A 370 7.39 -1.39 31.37
CA ASP A 370 8.50 -1.85 32.21
C ASP A 370 9.17 -3.12 31.70
N ASP A 371 8.89 -3.53 30.45
CA ASP A 371 9.66 -4.61 29.85
C ASP A 371 11.13 -4.18 29.78
N SER A 372 12.02 -5.15 29.62
CA SER A 372 13.42 -4.82 29.44
C SER A 372 13.65 -4.15 28.09
N ASP A 373 14.84 -3.59 27.93
CA ASP A 373 15.20 -2.97 26.65
C ASP A 373 15.23 -4.00 25.52
N GLU A 374 15.80 -5.18 25.76
CA GLU A 374 15.81 -6.22 24.72
C GLU A 374 14.38 -6.65 24.34
N GLN A 375 13.49 -6.75 25.31
CA GLN A 375 12.10 -7.08 24.99
C GLN A 375 11.47 -5.99 24.13
N ILE A 376 11.70 -4.73 24.48
CA ILE A 376 11.07 -3.65 23.73
C ILE A 376 11.66 -3.53 22.34
N PHE A 377 13.01 -3.67 22.21
CA PHE A 377 13.64 -3.50 20.90
C PHE A 377 13.45 -4.69 19.98
N THR A 378 13.18 -5.89 20.49
CA THR A 378 13.20 -7.09 19.65
C THR A 378 11.89 -7.88 19.64
N THR A 379 10.86 -7.46 20.37
CA THR A 379 9.60 -8.18 20.29
C THR A 379 8.46 -7.21 20.09
N GLN A 380 7.29 -7.77 19.75
CA GLN A 380 6.10 -6.94 19.58
C GLN A 380 5.14 -7.15 20.76
N GLY A 381 5.65 -7.60 21.89
CA GLY A 381 4.91 -7.62 23.13
C GLY A 381 4.00 -8.82 23.34
N ARG A 382 2.94 -8.60 24.11
CA ARG A 382 2.08 -9.70 24.48
C ARG A 382 0.66 -9.18 24.68
N PRO A 383 -0.33 -10.08 24.67
CA PRO A 383 -1.73 -9.65 24.55
C PRO A 383 -2.22 -8.72 25.66
N ILE A 384 -3.18 -7.87 25.29
CA ILE A 384 -3.94 -7.06 26.23
C ILE A 384 -4.47 -7.89 27.38
N SER A 385 -5.09 -9.04 27.09
CA SER A 385 -5.89 -9.75 28.06
C SER A 385 -5.25 -11.07 28.46
N SER A 386 -5.36 -11.40 29.75
CA SER A 386 -4.97 -12.74 30.21
C SER A 386 -5.89 -13.82 29.64
N ASP A 387 -7.07 -13.44 29.12
CA ASP A 387 -7.93 -14.37 28.40
C ASP A 387 -7.85 -14.22 26.87
N ASP A 388 -6.88 -13.46 26.38
CA ASP A 388 -6.45 -13.62 24.99
C ASP A 388 -5.77 -14.99 24.85
N GLU A 389 -6.41 -15.93 24.16
CA GLU A 389 -5.86 -17.27 23.97
C GLU A 389 -5.11 -17.31 22.64
N ILE A 390 -3.88 -17.86 22.65
CA ILE A 390 -2.98 -17.91 21.50
C ILE A 390 -2.64 -19.35 21.18
N LYS A 391 -2.79 -19.75 19.92
CA LYS A 391 -2.10 -20.94 19.42
C LYS A 391 -1.17 -20.53 18.29
N ILE A 392 -0.01 -21.17 18.22
CA ILE A 392 1.00 -20.94 17.18
C ILE A 392 1.22 -22.29 16.52
N VAL A 393 0.75 -22.44 15.28
CA VAL A 393 0.61 -23.78 14.74
C VAL A 393 1.41 -23.93 13.44
N ASP A 394 1.78 -25.18 13.16
CA ASP A 394 2.47 -25.52 11.92
C ASP A 394 1.42 -25.72 10.81
N GLU A 395 1.84 -26.32 9.70
CA GLU A 395 0.93 -26.58 8.58
C GLU A 395 -0.09 -27.67 8.91
N GLN A 396 0.24 -28.59 9.82
CA GLN A 396 -0.71 -29.58 10.30
C GLN A 396 -1.61 -29.04 11.41
N TYR A 397 -1.58 -27.73 11.63
CA TYR A 397 -2.41 -27.10 12.65
C TYR A 397 -2.15 -27.69 14.03
N ARG A 398 -0.94 -28.20 14.24
CA ARG A 398 -0.51 -28.63 15.55
C ARG A 398 0.38 -27.56 16.18
N GLU A 399 0.28 -27.41 17.50
CA GLU A 399 1.09 -26.40 18.19
C GLU A 399 2.57 -26.72 18.03
N VAL A 400 3.32 -25.77 17.49
CA VAL A 400 4.76 -25.91 17.27
C VAL A 400 5.49 -26.11 18.60
N PRO A 401 6.72 -26.63 18.59
CA PRO A 401 7.51 -26.64 19.83
C PRO A 401 7.83 -25.21 20.27
N GLU A 402 7.87 -25.01 21.59
CA GLU A 402 7.93 -23.65 22.12
C GLU A 402 9.08 -22.88 21.50
N GLY A 403 8.77 -21.73 20.92
CA GLY A 403 9.77 -20.87 20.34
C GLY A 403 9.90 -20.95 18.83
N GLU A 404 9.32 -21.96 18.18
CA GLU A 404 9.42 -22.06 16.73
C GLU A 404 8.42 -21.11 16.07
N ILE A 405 8.60 -20.92 14.78
CA ILE A 405 7.72 -20.07 13.99
C ILE A 405 6.49 -20.88 13.58
N GLY A 406 5.30 -20.34 13.86
CA GLY A 406 4.07 -20.93 13.38
C GLY A 406 3.06 -19.86 13.00
N MET A 407 1.87 -20.29 12.56
CA MET A 407 0.80 -19.35 12.24
C MET A 407 0.04 -19.02 13.52
N LEU A 408 -0.34 -17.76 13.64
CA LEU A 408 -1.00 -17.27 14.84
C LEU A 408 -2.50 -17.57 14.78
N ALA A 409 -3.04 -18.17 15.82
CA ALA A 409 -4.49 -18.32 15.94
C ALA A 409 -4.92 -17.82 17.31
N THR A 410 -6.07 -17.14 17.36
CA THR A 410 -6.41 -16.47 18.61
C THR A 410 -7.92 -16.33 18.80
N ARG A 411 -8.30 -16.28 20.07
CA ARG A 411 -9.66 -15.92 20.43
C ARG A 411 -9.60 -15.28 21.81
N GLY A 412 -10.51 -14.35 22.07
CA GLY A 412 -10.55 -13.68 23.34
C GLY A 412 -11.67 -12.69 23.41
N PRO A 413 -11.65 -11.82 24.41
CA PRO A 413 -12.86 -11.03 24.73
C PRO A 413 -13.06 -9.86 23.80
N TYR A 414 -12.13 -9.63 22.88
CA TYR A 414 -12.35 -8.54 21.94
C TYR A 414 -11.97 -8.96 20.52
N THR A 415 -11.78 -10.26 20.28
CA THR A 415 -11.51 -10.77 18.95
C THR A 415 -12.82 -11.22 18.32
N PHE A 416 -13.11 -10.70 17.13
CA PHE A 416 -14.40 -10.93 16.50
C PHE A 416 -14.59 -12.43 16.25
N CYS A 417 -15.83 -12.81 15.93
CA CYS A 417 -16.19 -14.19 15.65
C CYS A 417 -16.55 -14.43 14.20
N GLY A 418 -16.43 -13.42 13.34
CA GLY A 418 -16.62 -13.61 11.91
C GLY A 418 -16.84 -12.31 11.19
N TYR A 419 -16.44 -12.24 9.91
CA TYR A 419 -16.65 -11.04 9.12
C TYR A 419 -18.15 -10.86 8.80
N TYR A 420 -18.55 -9.61 8.60
CA TYR A 420 -19.95 -9.32 8.31
C TYR A 420 -20.42 -10.03 7.05
N GLN A 421 -21.40 -10.91 7.20
CA GLN A 421 -22.10 -11.49 6.04
C GLN A 421 -21.14 -12.26 5.13
N SER A 422 -20.17 -12.95 5.72
CA SER A 422 -19.17 -13.71 4.96
C SER A 422 -19.06 -15.11 5.50
N PRO A 423 -20.14 -15.89 5.50
CA PRO A 423 -20.06 -17.25 6.06
C PRO A 423 -19.03 -18.12 5.38
N GLU A 424 -18.79 -17.95 4.07
CA GLU A 424 -17.82 -18.80 3.37
C GLU A 424 -16.40 -18.47 3.80
N HIS A 425 -16.04 -17.19 3.75
CA HIS A 425 -14.71 -16.81 4.20
C HIS A 425 -14.51 -17.16 5.67
N ASN A 426 -15.55 -16.96 6.50
CA ASN A 426 -15.41 -17.21 7.93
C ASN A 426 -15.06 -18.67 8.19
N SER A 427 -15.75 -19.59 7.52
CA SER A 427 -15.44 -20.99 7.72
C SER A 427 -13.99 -21.31 7.36
N GLN A 428 -13.31 -20.43 6.61
CA GLN A 428 -11.93 -20.67 6.20
C GLN A 428 -10.89 -20.12 7.15
N VAL A 429 -11.22 -19.11 7.96
CA VAL A 429 -10.21 -18.50 8.83
C VAL A 429 -10.51 -18.72 10.32
N PHE A 430 -11.60 -19.43 10.66
CA PHE A 430 -11.90 -19.84 12.03
C PHE A 430 -11.84 -21.35 12.09
N ASP A 431 -11.23 -21.90 13.14
CA ASP A 431 -11.26 -23.35 13.31
C ASP A 431 -12.48 -23.77 14.14
N GLU A 432 -12.56 -25.05 14.50
CA GLU A 432 -13.76 -25.55 15.18
C GLU A 432 -13.92 -24.97 16.58
N ASP A 433 -12.80 -24.62 17.25
CA ASP A 433 -12.86 -23.97 18.56
C ASP A 433 -12.97 -22.47 18.46
N ASN A 434 -13.30 -21.97 17.27
CA ASN A 434 -13.50 -20.56 17.03
C ASN A 434 -12.23 -19.74 17.24
N TYR A 435 -11.06 -20.36 17.12
CA TYR A 435 -9.84 -19.56 16.93
C TYR A 435 -9.86 -18.89 15.56
N TYR A 436 -9.41 -17.64 15.54
CA TYR A 436 -9.20 -16.90 14.29
C TYR A 436 -7.74 -17.00 13.84
N TYR A 437 -7.55 -17.31 12.56
CA TYR A 437 -6.21 -17.47 11.97
C TYR A 437 -5.88 -16.17 11.28
N SER A 438 -5.06 -15.34 11.93
CA SER A 438 -4.80 -14.01 11.41
C SER A 438 -3.88 -14.02 10.19
N GLY A 439 -3.26 -15.14 9.85
CA GLY A 439 -2.30 -15.14 8.74
C GLY A 439 -0.93 -14.60 9.09
N ASP A 440 -0.71 -14.18 10.34
CA ASP A 440 0.58 -13.66 10.75
C ASP A 440 1.43 -14.83 11.19
N LEU A 441 2.72 -14.78 10.85
CA LEU A 441 3.69 -15.75 11.37
C LEU A 441 4.40 -15.14 12.56
N VAL A 442 4.65 -15.96 13.58
CA VAL A 442 5.08 -15.46 14.88
C VAL A 442 5.87 -16.55 15.59
N GLN A 443 6.67 -16.12 16.56
CA GLN A 443 7.21 -17.04 17.55
C GLN A 443 7.10 -16.39 18.92
N ARG A 444 6.97 -17.24 19.94
CA ARG A 444 6.92 -16.77 21.32
C ARG A 444 8.31 -16.81 21.90
N THR A 445 8.78 -15.69 22.45
CA THR A 445 10.11 -15.62 23.04
C THR A 445 10.11 -16.25 24.43
N PRO A 446 11.28 -16.60 24.96
CA PRO A 446 11.31 -17.21 26.30
C PRO A 446 10.66 -16.34 27.37
N ASP A 447 10.80 -15.01 27.25
CA ASP A 447 10.20 -14.05 28.19
C ASP A 447 8.67 -13.99 28.11
N GLY A 448 8.04 -14.68 27.16
CA GLY A 448 6.59 -14.66 27.04
C GLY A 448 6.02 -13.76 25.95
N ASN A 449 6.86 -12.97 25.26
CA ASN A 449 6.39 -12.02 24.25
C ASN A 449 6.35 -12.67 22.87
N LEU A 450 5.68 -12.01 21.94
CA LEU A 450 5.60 -12.46 20.56
C LEU A 450 6.56 -11.69 19.67
N ARG A 451 7.14 -12.38 18.69
CA ARG A 451 7.84 -11.74 17.59
C ARG A 451 7.08 -12.04 16.29
N VAL A 452 6.61 -11.00 15.62
CA VAL A 452 6.03 -11.15 14.29
C VAL A 452 7.17 -11.23 13.28
N VAL A 453 7.24 -12.34 12.55
CA VAL A 453 8.31 -12.62 11.60
C VAL A 453 7.84 -12.70 10.15
N GLY A 454 6.54 -12.62 9.90
CA GLY A 454 6.09 -12.70 8.52
C GLY A 454 4.59 -12.92 8.45
N ARG A 455 4.16 -13.34 7.26
CA ARG A 455 2.76 -13.47 6.94
C ARG A 455 2.60 -14.67 6.04
N ILE A 456 1.47 -15.36 6.16
CA ILE A 456 1.18 -16.53 5.35
C ILE A 456 -0.23 -16.42 4.80
N LYS A 457 -0.46 -17.02 3.63
CA LYS A 457 -1.75 -16.94 2.93
C LYS A 457 -2.71 -18.07 3.33
N ASP A 458 -3.94 -17.97 2.81
CA ASP A 458 -4.96 -19.05 2.81
C ASP A 458 -5.02 -19.92 4.06
N LYS B 23 32.72 11.41 -15.06
CA LYS B 23 33.45 10.59 -16.03
C LYS B 23 33.34 9.12 -15.60
N GLN B 24 33.21 8.88 -14.29
CA GLN B 24 33.00 7.53 -13.79
C GLN B 24 31.55 7.07 -14.02
N LEU B 25 31.40 5.83 -14.43
CA LEU B 25 30.09 5.24 -14.60
C LEU B 25 29.47 4.95 -13.23
N ILE B 26 28.13 4.88 -13.18
CA ILE B 26 27.47 4.51 -11.94
C ILE B 26 28.07 3.21 -11.44
N GLU B 27 28.39 3.16 -10.15
CA GLU B 27 28.91 1.95 -9.54
C GLU B 27 27.79 0.96 -9.19
N PHE B 28 28.14 -0.33 -9.19
CA PHE B 28 27.17 -1.36 -8.85
C PHE B 28 27.96 -2.60 -8.52
N VAL B 29 27.28 -3.65 -8.05
CA VAL B 29 27.95 -4.91 -7.76
C VAL B 29 27.86 -5.80 -9.02
N ARG B 30 29.02 -6.23 -9.54
CA ARG B 30 29.03 -7.05 -10.75
C ARG B 30 28.90 -8.52 -10.46
N TRP B 31 28.43 -9.25 -11.46
CA TRP B 31 28.53 -10.70 -11.45
C TRP B 31 29.98 -11.13 -11.48
N SER B 32 30.27 -12.31 -10.94
CA SER B 32 31.63 -12.78 -11.07
C SER B 32 31.97 -12.92 -12.56
N PRO B 33 33.26 -12.85 -12.90
CA PRO B 33 33.64 -13.01 -14.31
C PRO B 33 33.30 -14.38 -14.90
N GLU B 34 33.39 -15.47 -14.12
CA GLU B 34 32.98 -16.77 -14.66
C GLU B 34 31.48 -16.80 -14.94
N ARG B 35 30.64 -16.17 -14.11
CA ARG B 35 29.22 -16.14 -14.43
C ARG B 35 28.93 -15.27 -15.64
N ALA B 36 29.51 -14.06 -15.71
CA ALA B 36 29.37 -13.23 -16.91
C ALA B 36 29.73 -14.02 -18.19
N GLN B 37 30.82 -14.79 -18.15
CA GLN B 37 31.19 -15.56 -19.35
C GLN B 37 30.11 -16.59 -19.71
N HIS B 38 29.69 -17.38 -18.73
CA HIS B 38 28.64 -18.37 -18.93
C HIS B 38 27.36 -17.76 -19.50
N TYR B 39 26.92 -16.63 -18.95
CA TYR B 39 25.73 -15.98 -19.46
C TYR B 39 25.88 -15.50 -20.90
N ARG B 40 27.09 -15.07 -21.29
CA ARG B 40 27.36 -14.76 -22.69
C ARG B 40 27.47 -16.03 -23.54
N ASN B 41 28.07 -17.10 -23.00
CA ASN B 41 28.21 -18.32 -23.77
C ASN B 41 26.87 -18.96 -24.02
N LYS B 42 25.95 -18.82 -23.06
CA LYS B 42 24.58 -19.27 -23.18
C LYS B 42 23.76 -18.38 -24.10
N GLY B 43 24.31 -17.25 -24.55
CA GLY B 43 23.53 -16.30 -25.34
C GLY B 43 22.49 -15.53 -24.56
N TYR B 44 22.56 -15.52 -23.24
CA TYR B 44 21.62 -14.68 -22.48
C TYR B 44 22.02 -13.22 -22.58
N TRP B 45 23.33 -12.95 -22.42
CA TRP B 45 23.85 -11.60 -22.40
C TRP B 45 24.43 -11.41 -23.79
N ILE B 46 23.85 -10.51 -24.58
CA ILE B 46 24.35 -10.32 -25.94
C ILE B 46 25.11 -9.01 -26.08
N ASP B 47 25.33 -8.31 -24.97
CA ASP B 47 26.10 -7.06 -24.94
C ASP B 47 25.57 -6.08 -25.98
N GLN B 48 24.25 -5.88 -25.95
CA GLN B 48 23.62 -4.82 -26.72
C GLN B 48 22.90 -3.88 -25.77
N PRO B 49 22.88 -2.58 -26.05
CA PRO B 49 22.09 -1.67 -25.22
C PRO B 49 20.61 -2.01 -25.33
N LEU B 50 19.85 -1.59 -24.31
CA LEU B 50 18.41 -1.82 -24.31
C LEU B 50 17.74 -1.14 -25.51
N THR B 51 18.34 -0.06 -26.02
CA THR B 51 17.90 0.58 -27.26
C THR B 51 17.89 -0.36 -28.46
N ARG B 52 18.55 -1.52 -28.38
CA ARG B 52 18.41 -2.57 -29.41
C ARG B 52 16.95 -2.77 -29.80
N ILE B 53 16.06 -2.70 -28.81
CA ILE B 53 14.65 -2.96 -29.07
C ILE B 53 14.13 -2.03 -30.16
N LEU B 54 14.60 -0.78 -30.15
CA LEU B 54 14.18 0.25 -31.10
C LEU B 54 14.91 0.11 -32.43
N THR B 55 16.24 -0.05 -32.37
CA THR B 55 16.99 -0.26 -33.60
C THR B 55 16.38 -1.38 -34.43
N VAL B 56 16.14 -2.54 -33.79
CA VAL B 56 15.63 -3.68 -34.54
C VAL B 56 14.24 -3.38 -35.10
N GLY B 57 13.40 -2.69 -34.33
CA GLY B 57 12.04 -2.40 -34.78
C GLY B 57 11.97 -1.51 -35.99
N VAL B 58 12.76 -0.44 -36.02
CA VAL B 58 12.71 0.45 -37.18
C VAL B 58 13.22 -0.27 -38.43
N GLN B 59 14.34 -1.01 -38.33
CA GLN B 59 14.80 -1.77 -39.48
C GLN B 59 13.74 -2.76 -39.97
N SER B 60 13.04 -3.42 -39.03
CA SER B 60 12.13 -4.53 -39.31
C SER B 60 10.70 -4.12 -39.67
N HIS B 61 10.12 -3.16 -38.95
CA HIS B 61 8.71 -2.85 -39.10
C HIS B 61 8.52 -1.37 -38.74
N PRO B 62 9.21 -0.46 -39.42
CA PRO B 62 9.28 0.93 -38.92
C PRO B 62 7.91 1.57 -38.73
N HIS B 63 6.92 1.17 -39.54
CA HIS B 63 5.61 1.78 -39.51
C HIS B 63 4.60 0.98 -38.69
N SER B 64 4.98 -0.18 -38.16
CA SER B 64 4.20 -0.83 -37.11
C SER B 64 3.86 0.19 -36.03
N LEU B 65 2.67 0.05 -35.45
CA LEU B 65 2.33 0.87 -34.29
C LEU B 65 3.13 0.39 -33.08
N ALA B 66 3.82 1.33 -32.43
CA ALA B 66 4.54 1.05 -31.20
C ALA B 66 3.76 1.44 -29.95
N ILE B 67 3.11 2.59 -29.93
CA ILE B 67 2.47 3.10 -28.73
C ILE B 67 1.16 3.74 -29.13
N ILE B 68 0.07 3.34 -28.44
CA ILE B 68 -1.21 4.01 -28.55
C ILE B 68 -1.48 4.63 -27.19
N CYS B 69 -1.69 5.95 -27.21
CA CYS B 69 -1.78 6.74 -25.99
C CYS B 69 -2.86 7.79 -26.20
N GLY B 70 -4.05 7.51 -25.66
CA GLY B 70 -5.17 8.42 -25.82
C GLY B 70 -5.48 8.54 -27.29
N GLU B 71 -5.40 9.74 -27.81
CA GLU B 71 -5.69 9.95 -29.22
C GLU B 71 -4.47 9.75 -30.10
N ARG B 72 -3.29 9.58 -29.51
CA ARG B 72 -2.03 9.55 -30.24
C ARG B 72 -1.63 8.12 -30.55
N GLN B 73 -1.02 7.92 -31.71
CA GLN B 73 -0.51 6.63 -32.14
C GLN B 73 0.89 6.83 -32.70
N LEU B 74 1.91 6.27 -32.04
CA LEU B 74 3.29 6.39 -32.48
C LEU B 74 3.75 5.10 -33.14
N SER B 75 4.35 5.22 -34.32
CA SER B 75 4.99 4.08 -34.95
C SER B 75 6.36 3.83 -34.34
N TYR B 76 6.96 2.72 -34.75
CA TYR B 76 8.30 2.37 -34.27
C TYR B 76 9.34 3.39 -34.70
N ILE B 77 9.27 3.84 -35.96
CA ILE B 77 10.24 4.82 -36.43
C ILE B 77 10.02 6.17 -35.75
N GLU B 78 8.76 6.50 -35.44
CA GLU B 78 8.43 7.73 -34.72
C GLU B 78 9.03 7.73 -33.31
N LEU B 79 8.72 6.68 -32.52
CA LEU B 79 9.35 6.54 -31.21
C LEU B 79 10.87 6.67 -31.31
N ASP B 80 11.46 6.08 -32.35
CA ASP B 80 12.91 6.16 -32.50
C ASP B 80 13.36 7.59 -32.80
N ARG B 81 12.68 8.27 -33.73
CA ARG B 81 13.02 9.65 -34.03
C ARG B 81 12.87 10.55 -32.79
N LEU B 82 11.75 10.40 -32.07
CA LEU B 82 11.46 11.29 -30.95
C LEU B 82 12.43 11.06 -29.79
N SER B 83 12.78 9.80 -29.52
CA SER B 83 13.74 9.56 -28.44
C SER B 83 15.14 10.04 -28.83
N THR B 84 15.50 9.96 -30.11
CA THR B 84 16.78 10.53 -30.53
C THR B 84 16.80 12.05 -30.34
N ASN B 85 15.73 12.71 -30.79
CA ASN B 85 15.60 14.15 -30.58
C ASN B 85 15.96 14.51 -29.15
N LEU B 86 15.22 13.94 -28.19
CA LEU B 86 15.45 14.26 -26.79
C LEU B 86 16.89 13.98 -26.41
N ALA B 87 17.40 12.81 -26.80
CA ALA B 87 18.79 12.47 -26.48
C ALA B 87 19.77 13.49 -27.07
N THR B 88 19.57 13.91 -28.32
CA THR B 88 20.53 14.88 -28.86
C THR B 88 20.44 16.19 -28.10
N ARG B 89 19.27 16.55 -27.57
CA ARG B 89 19.18 17.80 -26.83
C ARG B 89 19.86 17.68 -25.48
N LEU B 90 19.78 16.51 -24.85
CA LEU B 90 20.45 16.32 -23.57
C LEU B 90 21.96 16.32 -23.75
N ALA B 91 22.43 15.61 -24.78
CA ALA B 91 23.85 15.62 -25.12
C ALA B 91 24.34 17.04 -25.37
N GLU B 92 23.57 17.84 -26.14
CA GLU B 92 23.93 19.23 -26.39
C GLU B 92 24.19 20.00 -25.11
N LYS B 93 23.54 19.62 -24.00
CA LYS B 93 23.65 20.30 -22.72
C LYS B 93 24.69 19.66 -21.79
N GLY B 94 25.45 18.69 -22.26
CA GLY B 94 26.47 18.07 -21.45
C GLY B 94 25.98 16.97 -20.54
N LEU B 95 24.74 16.50 -20.73
CA LEU B 95 24.22 15.38 -19.96
C LEU B 95 24.60 14.09 -20.68
N GLY B 96 25.17 13.14 -19.96
CA GLY B 96 25.60 11.92 -20.62
C GLY B 96 26.14 10.88 -19.66
N LYS B 97 27.07 10.04 -20.13
CA LYS B 97 27.57 8.98 -19.30
C LYS B 97 28.15 9.52 -17.99
N GLY B 98 27.81 8.82 -16.89
CA GLY B 98 28.18 9.24 -15.56
C GLY B 98 27.10 10.03 -14.86
N ASP B 99 26.15 10.58 -15.62
CA ASP B 99 25.11 11.45 -15.07
C ASP B 99 23.87 10.62 -14.86
N THR B 100 22.96 11.13 -14.05
CA THR B 100 21.71 10.44 -13.76
C THR B 100 20.53 11.38 -13.94
N ALA B 101 19.32 10.79 -13.95
CA ALA B 101 18.10 11.49 -14.22
C ALA B 101 17.02 10.89 -13.33
N LEU B 102 16.11 11.73 -12.87
CA LEU B 102 14.94 11.26 -12.11
C LEU B 102 13.72 11.61 -12.95
N VAL B 103 12.94 10.61 -13.33
CA VAL B 103 11.77 10.80 -14.19
C VAL B 103 10.53 10.38 -13.43
N GLN B 104 9.49 11.24 -13.44
CA GLN B 104 8.22 10.94 -12.78
C GLN B 104 7.09 11.33 -13.73
N LEU B 105 6.65 10.37 -14.53
CA LEU B 105 5.65 10.63 -15.56
C LEU B 105 4.48 9.69 -15.36
N PRO B 106 3.29 10.11 -15.75
CA PRO B 106 2.15 9.18 -15.72
C PRO B 106 2.20 8.16 -16.84
N ASN B 107 1.14 7.38 -17.00
CA ASN B 107 1.11 6.35 -18.03
C ASN B 107 0.78 6.96 -19.38
N VAL B 108 1.79 7.62 -19.99
CA VAL B 108 1.64 8.30 -21.27
C VAL B 108 2.80 7.90 -22.16
N ALA B 109 2.62 8.07 -23.47
CA ALA B 109 3.66 7.64 -24.39
C ALA B 109 4.98 8.35 -24.12
N GLU B 110 4.94 9.60 -23.62
CA GLU B 110 6.19 10.28 -23.33
C GLU B 110 7.05 9.50 -22.35
N PHE B 111 6.44 8.70 -21.47
CA PHE B 111 7.25 7.90 -20.56
C PHE B 111 8.32 7.12 -21.34
N TYR B 112 7.91 6.46 -22.44
CA TYR B 112 8.80 5.57 -23.18
C TYR B 112 9.75 6.34 -24.06
N ILE B 113 9.28 7.47 -24.59
CA ILE B 113 10.19 8.34 -25.33
C ILE B 113 11.35 8.75 -24.45
N VAL B 114 11.04 9.25 -23.27
CA VAL B 114 12.04 9.68 -22.31
C VAL B 114 12.94 8.52 -21.92
N PHE B 115 12.33 7.39 -21.58
CA PHE B 115 13.12 6.23 -21.21
C PHE B 115 14.17 5.92 -22.27
N PHE B 116 13.75 5.80 -23.53
CA PHE B 116 14.70 5.45 -24.58
C PHE B 116 15.66 6.60 -24.89
N ALA B 117 15.20 7.84 -24.76
CA ALA B 117 16.10 8.98 -24.95
C ALA B 117 17.25 8.92 -23.96
N LEU B 118 16.97 8.55 -22.72
CA LEU B 118 18.00 8.53 -21.69
C LEU B 118 18.92 7.32 -21.86
N LEU B 119 18.34 6.19 -22.28
CA LEU B 119 19.16 5.03 -22.58
C LEU B 119 20.13 5.34 -23.70
N LYS B 120 19.65 6.05 -24.75
CA LYS B 120 20.49 6.40 -25.89
C LYS B 120 21.57 7.39 -25.51
N ALA B 121 21.23 8.34 -24.66
CA ALA B 121 22.17 9.35 -24.19
C ALA B 121 23.16 8.80 -23.17
N GLY B 122 22.91 7.62 -22.60
CA GLY B 122 23.83 7.13 -21.60
C GLY B 122 23.61 7.70 -20.22
N VAL B 123 22.44 8.27 -19.96
CA VAL B 123 22.10 8.82 -18.66
C VAL B 123 21.34 7.77 -17.87
N VAL B 124 21.85 7.39 -16.70
CA VAL B 124 21.20 6.36 -15.91
C VAL B 124 19.97 6.98 -15.27
N VAL B 125 18.79 6.39 -15.49
CA VAL B 125 17.52 6.97 -15.07
C VAL B 125 16.92 6.15 -13.93
N LEU B 126 16.31 6.86 -12.99
CA LEU B 126 15.40 6.29 -12.00
C LEU B 126 14.00 6.80 -12.32
N ASN B 127 13.09 5.89 -12.67
CA ASN B 127 11.69 6.25 -12.88
C ASN B 127 10.99 6.15 -11.53
N ALA B 128 10.58 7.29 -10.96
CA ALA B 128 9.74 7.25 -9.79
C ALA B 128 8.32 6.87 -10.19
N LEU B 129 7.58 6.29 -9.24
CA LEU B 129 6.15 6.11 -9.47
C LEU B 129 5.47 7.47 -9.46
N TYR B 130 4.51 7.62 -10.37
CA TYR B 130 3.70 8.83 -10.37
C TYR B 130 3.02 9.04 -9.02
N SER B 131 2.77 7.98 -8.28
CA SER B 131 2.20 8.08 -6.94
C SER B 131 3.22 8.50 -5.87
N HIS B 132 4.51 8.54 -6.19
CA HIS B 132 5.47 8.95 -5.18
C HIS B 132 5.32 10.44 -4.90
N ARG B 133 5.60 10.85 -3.66
CA ARG B 133 5.44 12.26 -3.28
C ARG B 133 6.80 12.85 -2.88
N GLN B 134 6.77 14.05 -2.27
CA GLN B 134 8.01 14.78 -1.97
C GLN B 134 8.98 13.92 -1.17
N TYR B 135 8.46 13.17 -0.20
CA TYR B 135 9.35 12.36 0.63
C TYR B 135 10.16 11.39 -0.21
N GLU B 136 9.51 10.59 -1.04
CA GLU B 136 10.26 9.63 -1.86
C GLU B 136 11.17 10.36 -2.85
N LEU B 137 10.65 11.39 -3.52
CA LEU B 137 11.45 12.07 -4.53
C LEU B 137 12.67 12.69 -3.91
N ASN B 138 12.53 13.39 -2.76
CA ASN B 138 13.71 13.94 -2.11
C ASN B 138 14.71 12.84 -1.83
N ALA B 139 14.23 11.68 -1.40
CA ALA B 139 15.11 10.58 -1.06
C ALA B 139 15.88 10.10 -2.29
N PHE B 140 15.19 9.96 -3.43
CA PHE B 140 15.89 9.58 -4.65
C PHE B 140 16.92 10.63 -5.08
N ILE B 141 16.54 11.90 -5.02
CA ILE B 141 17.45 12.95 -5.48
C ILE B 141 18.72 12.97 -4.63
N LYS B 142 18.55 12.78 -3.32
CA LYS B 142 19.72 12.68 -2.45
C LYS B 142 20.59 11.51 -2.85
N GLN B 143 19.98 10.40 -3.25
CA GLN B 143 20.78 9.20 -3.52
C GLN B 143 21.51 9.31 -4.86
N ILE B 144 20.85 9.80 -5.91
CA ILE B 144 21.45 9.75 -7.24
C ILE B 144 21.91 11.11 -7.73
N GLN B 145 21.60 12.20 -7.05
CA GLN B 145 22.08 13.53 -7.41
C GLN B 145 21.86 13.84 -8.90
N PRO B 146 20.61 13.73 -9.36
CA PRO B 146 20.37 13.83 -10.81
C PRO B 146 20.65 15.23 -11.35
N LYS B 147 21.17 15.28 -12.58
CA LYS B 147 21.32 16.55 -13.30
C LYS B 147 20.12 16.84 -14.18
N LEU B 148 19.25 15.84 -14.35
CA LEU B 148 18.01 15.97 -15.11
C LEU B 148 16.83 15.54 -14.24
N LEU B 149 15.79 16.37 -14.21
CA LEU B 149 14.53 16.04 -13.54
C LEU B 149 13.42 16.20 -14.56
N ILE B 150 12.62 15.17 -14.76
CA ILE B 150 11.47 15.28 -15.65
C ILE B 150 10.22 14.96 -14.85
N GLY B 151 9.28 15.90 -14.81
CA GLY B 151 8.07 15.71 -14.03
C GLY B 151 6.86 16.21 -14.80
N SER B 152 5.72 16.28 -14.12
CA SER B 152 4.50 16.77 -14.74
C SER B 152 3.92 17.85 -13.86
N ARG B 153 3.59 18.99 -14.47
CA ARG B 153 2.94 20.06 -13.70
C ARG B 153 1.59 19.66 -13.14
N GLN B 154 0.99 18.58 -13.62
CA GLN B 154 -0.26 18.10 -13.03
C GLN B 154 -0.04 17.26 -11.79
N HIS B 155 1.21 16.88 -11.50
CA HIS B 155 1.49 16.17 -10.27
C HIS B 155 1.47 17.12 -9.08
N GLU B 156 0.86 16.67 -7.97
CA GLU B 156 0.85 17.42 -6.73
C GLU B 156 2.20 18.08 -6.37
N VAL B 157 3.28 17.31 -6.44
CA VAL B 157 4.61 17.81 -6.07
C VAL B 157 5.03 19.02 -6.90
N PHE B 158 4.53 19.14 -8.13
CA PHE B 158 4.95 20.20 -9.04
C PHE B 158 3.84 21.20 -9.33
N SER B 159 2.76 21.17 -8.57
CA SER B 159 1.71 22.16 -8.76
C SER B 159 2.16 23.54 -8.37
N ASN B 160 3.28 23.68 -7.67
CA ASN B 160 3.95 24.96 -7.50
C ASN B 160 5.45 24.68 -7.48
N ASN B 161 6.22 25.60 -6.94
CA ASN B 161 7.67 25.46 -7.04
C ASN B 161 8.34 25.15 -5.72
N GLN B 162 7.59 24.86 -4.66
CA GLN B 162 8.23 24.67 -3.37
C GLN B 162 9.20 23.51 -3.39
N PHE B 163 8.77 22.36 -3.92
CA PHE B 163 9.70 21.24 -4.00
C PHE B 163 10.94 21.61 -4.83
N ILE B 164 10.74 22.12 -6.05
CA ILE B 164 11.92 22.43 -6.88
C ILE B 164 12.85 23.39 -6.16
N ASP B 165 12.28 24.46 -5.60
CA ASP B 165 13.11 25.47 -4.93
C ASP B 165 13.77 24.93 -3.67
N SER B 166 13.12 24.01 -2.96
CA SER B 166 13.76 23.39 -1.80
C SER B 166 15.06 22.68 -2.20
N LEU B 167 15.15 22.21 -3.45
CA LEU B 167 16.38 21.56 -3.91
C LEU B 167 17.55 22.53 -3.90
N HIS B 168 17.32 23.78 -4.31
CA HIS B 168 18.40 24.78 -4.32
CA HIS B 168 18.42 24.75 -4.33
C HIS B 168 19.07 24.87 -2.96
N ASP B 169 18.25 24.90 -1.89
CA ASP B 169 18.80 25.10 -0.56
C ASP B 169 19.78 24.00 -0.17
N VAL B 170 19.53 22.77 -0.63
CA VAL B 170 20.35 21.64 -0.24
C VAL B 170 21.39 21.31 -1.33
N ASN B 171 21.68 22.27 -2.22
CA ASN B 171 22.65 22.09 -3.30
C ASN B 171 22.38 20.80 -4.09
N LEU B 172 21.11 20.58 -4.43
CA LEU B 172 20.75 19.41 -5.22
C LEU B 172 19.91 19.78 -6.44
N SER B 173 19.91 21.06 -6.82
CA SER B 173 19.16 21.47 -7.99
C SER B 173 19.69 20.72 -9.21
N PRO B 174 18.84 20.08 -10.00
CA PRO B 174 19.30 19.54 -11.29
C PRO B 174 19.68 20.67 -12.22
N GLU B 175 20.46 20.33 -13.26
CA GLU B 175 20.81 21.35 -14.24
C GLU B 175 19.65 21.65 -15.18
N ILE B 176 18.84 20.64 -15.50
CA ILE B 176 17.73 20.76 -16.43
C ILE B 176 16.49 20.18 -15.78
N ILE B 177 15.37 20.90 -15.91
CA ILE B 177 14.05 20.41 -15.50
C ILE B 177 13.13 20.54 -16.70
N LEU B 178 12.66 19.41 -17.21
CA LEU B 178 11.64 19.38 -18.24
C LEU B 178 10.30 19.03 -17.60
N MET B 179 9.22 19.68 -18.05
CA MET B 179 7.88 19.46 -17.48
C MET B 179 6.89 19.06 -18.56
N LEU B 180 6.27 17.91 -18.38
CA LEU B 180 4.99 17.65 -19.03
C LEU B 180 3.98 18.66 -18.52
N ASN B 181 3.02 19.01 -19.38
CA ASN B 181 2.00 20.02 -19.04
C ASN B 181 2.66 21.28 -18.50
N HIS B 182 3.71 21.71 -19.20
CA HIS B 182 4.57 22.79 -18.77
C HIS B 182 3.81 24.10 -18.66
N GLN B 183 4.17 24.90 -17.66
CA GLN B 183 3.48 26.16 -17.42
C GLN B 183 4.41 27.31 -17.85
N ALA B 184 4.12 28.51 -17.38
CA ALA B 184 4.64 29.72 -18.00
C ALA B 184 6.17 29.66 -18.18
N THR B 185 6.91 29.38 -17.12
CA THR B 185 8.37 29.48 -17.18
C THR B 185 9.07 28.11 -17.32
N ASP B 186 8.35 27.07 -17.74
CA ASP B 186 8.94 25.75 -17.80
C ASP B 186 9.50 25.45 -19.18
N PHE B 187 10.57 24.65 -19.21
CA PHE B 187 10.93 23.91 -20.41
C PHE B 187 9.85 22.85 -20.66
N GLY B 188 9.25 22.87 -21.85
CA GLY B 188 8.30 21.84 -22.22
C GLY B 188 8.95 20.54 -22.61
N LEU B 189 8.57 19.45 -21.94
CA LEU B 189 9.07 18.12 -22.29
C LEU B 189 8.75 17.77 -23.74
N LEU B 190 7.49 17.98 -24.17
CA LEU B 190 7.15 17.71 -25.56
C LEU B 190 7.95 18.56 -26.50
N ASP B 191 8.29 19.77 -26.07
CA ASP B 191 9.14 20.64 -26.88
C ASP B 191 10.52 20.03 -27.11
N TRP B 192 11.09 19.39 -26.08
CA TRP B 192 12.43 18.80 -26.29
C TRP B 192 12.35 17.46 -27.00
N ILE B 193 11.17 16.90 -27.13
CA ILE B 193 10.98 15.69 -27.92
C ILE B 193 10.72 16.02 -29.39
N GLU B 194 10.19 17.21 -29.69
CA GLU B 194 9.70 17.51 -31.03
C GLU B 194 10.84 17.61 -32.05
N THR B 195 11.93 18.26 -31.68
CA THR B 195 13.00 18.52 -32.63
C THR B 195 14.33 18.05 -32.04
N PRO B 196 15.30 17.73 -32.90
CA PRO B 196 16.66 17.45 -32.41
C PRO B 196 17.42 18.74 -32.19
N ALA B 197 18.53 18.62 -31.47
CA ALA B 197 19.28 19.82 -31.12
C ALA B 197 20.02 20.38 -32.34
N GLU B 198 20.39 21.66 -32.24
CA GLU B 198 21.01 22.37 -33.36
C GLU B 198 22.36 21.77 -33.72
N THR B 199 23.20 21.50 -32.72
CA THR B 199 24.59 21.11 -32.92
C THR B 199 24.79 19.64 -32.58
N PHE B 200 25.48 18.91 -33.46
CA PHE B 200 25.82 17.54 -33.16
C PHE B 200 26.78 17.50 -31.97
N VAL B 201 26.52 16.56 -31.06
CA VAL B 201 27.46 16.13 -30.03
C VAL B 201 27.44 14.62 -30.02
N ASP B 202 28.59 14.00 -29.72
CA ASP B 202 28.62 12.55 -29.64
C ASP B 202 27.93 12.12 -28.36
N PHE B 203 27.20 11.02 -28.44
CA PHE B 203 26.67 10.41 -27.24
C PHE B 203 26.47 8.94 -27.57
N SER B 204 26.38 8.13 -26.52
CA SER B 204 26.04 6.73 -26.68
C SER B 204 25.55 6.19 -25.35
N SER B 205 24.90 5.04 -25.44
CA SER B 205 24.41 4.31 -24.30
C SER B 205 25.57 4.01 -23.35
N THR B 206 25.25 3.71 -22.11
CA THR B 206 26.27 3.12 -21.25
C THR B 206 26.61 1.71 -21.73
N PRO B 207 27.80 1.20 -21.42
CA PRO B 207 28.18 -0.11 -21.93
C PRO B 207 27.24 -1.20 -21.46
N ALA B 208 27.12 -2.25 -22.26
CA ALA B 208 26.01 -3.19 -22.05
C ALA B 208 26.11 -3.94 -20.73
N ASP B 209 27.31 -4.12 -20.19
CA ASP B 209 27.43 -4.78 -18.89
C ASP B 209 27.59 -3.77 -17.78
N GLU B 210 27.20 -2.53 -18.03
CA GLU B 210 27.15 -1.48 -17.04
C GLU B 210 25.69 -1.09 -16.80
N VAL B 211 25.48 -0.28 -15.77
CA VAL B 211 24.13 0.12 -15.35
C VAL B 211 23.45 0.93 -16.44
N ALA B 212 22.26 0.48 -16.85
CA ALA B 212 21.38 1.26 -17.72
C ALA B 212 20.40 2.13 -16.93
N PHE B 213 19.81 1.58 -15.86
CA PHE B 213 18.86 2.35 -15.08
C PHE B 213 18.64 1.67 -13.73
N PHE B 214 17.92 2.38 -12.87
CA PHE B 214 17.63 1.90 -11.53
C PHE B 214 16.20 1.39 -11.52
N GLN B 215 16.01 0.13 -11.13
CA GLN B 215 14.71 -0.34 -10.69
C GLN B 215 14.53 -0.01 -9.19
N LEU B 216 13.30 -0.17 -8.70
CA LEU B 216 12.98 0.13 -7.31
C LEU B 216 12.47 -1.13 -6.64
N SER B 217 12.85 -1.36 -5.38
CA SER B 217 12.43 -2.57 -4.71
C SER B 217 10.98 -2.42 -4.30
N GLY B 218 10.31 -3.56 -4.16
CA GLY B 218 8.93 -3.58 -3.67
C GLY B 218 8.80 -3.89 -2.19
N GLY B 219 9.77 -4.57 -1.59
CA GLY B 219 9.57 -4.98 -0.20
C GLY B 219 10.33 -4.22 0.89
N SER B 220 10.39 -2.90 0.82
CA SER B 220 11.31 -2.13 1.65
C SER B 220 10.57 -1.51 2.82
N THR B 221 11.26 -1.36 3.97
CA THR B 221 10.57 -0.79 5.13
C THR B 221 10.31 0.70 4.94
N GLY B 222 11.32 1.45 4.49
CA GLY B 222 11.13 2.84 4.13
C GLY B 222 11.05 3.08 2.63
N THR B 223 11.85 4.02 2.14
CA THR B 223 11.76 4.36 0.74
C THR B 223 12.28 3.19 -0.12
N PRO B 224 11.72 2.99 -1.30
CA PRO B 224 12.20 1.92 -2.14
C PRO B 224 13.72 2.03 -2.37
N LYS B 225 14.38 0.88 -2.31
CA LYS B 225 15.82 0.81 -2.52
C LYS B 225 16.10 0.70 -4.02
N LEU B 226 17.28 1.19 -4.40
CA LEU B 226 17.64 1.32 -5.80
C LEU B 226 18.30 0.04 -6.29
N ILE B 227 17.77 -0.51 -7.38
CA ILE B 227 18.28 -1.77 -7.92
C ILE B 227 18.96 -1.47 -9.27
N PRO B 228 20.28 -1.47 -9.35
CA PRO B 228 20.93 -1.25 -10.66
C PRO B 228 20.62 -2.40 -11.62
N ARG B 229 20.17 -2.05 -12.82
CA ARG B 229 19.95 -3.06 -13.86
C ARG B 229 20.85 -2.71 -15.03
N THR B 230 21.54 -3.70 -15.55
CA THR B 230 22.41 -3.48 -16.70
C THR B 230 21.63 -3.72 -17.99
N HIS B 231 22.15 -3.18 -19.09
CA HIS B 231 21.52 -3.44 -20.38
C HIS B 231 21.40 -4.95 -20.63
N ASN B 232 22.49 -5.69 -20.40
CA ASN B 232 22.52 -7.13 -20.68
C ASN B 232 21.39 -7.86 -19.95
N ASP B 233 21.31 -7.67 -18.63
CA ASP B 233 20.46 -8.52 -17.83
C ASP B 233 19.00 -8.13 -17.99
N TYR B 234 18.71 -6.83 -18.16
CA TYR B 234 17.34 -6.41 -18.40
C TYR B 234 16.87 -6.81 -19.80
N ASP B 235 17.71 -6.59 -20.83
CA ASP B 235 17.35 -7.02 -22.18
C ASP B 235 17.07 -8.52 -22.22
N TYR B 236 17.89 -9.32 -21.53
CA TYR B 236 17.69 -10.76 -21.55
C TYR B 236 16.32 -11.13 -20.96
N SER B 237 15.97 -10.54 -19.81
CA SER B 237 14.71 -10.91 -19.18
C SER B 237 13.54 -10.46 -20.04
N VAL B 238 13.68 -9.31 -20.71
CA VAL B 238 12.70 -8.86 -21.70
C VAL B 238 12.53 -9.88 -22.82
N ARG B 239 13.62 -10.19 -23.55
CA ARG B 239 13.50 -11.10 -24.69
C ARG B 239 13.04 -12.48 -24.26
N ALA B 240 13.56 -12.98 -23.13
CA ALA B 240 13.15 -14.31 -22.68
C ALA B 240 11.69 -14.33 -22.24
N SER B 241 11.24 -13.27 -21.57
CA SER B 241 9.84 -13.23 -21.15
C SER B 241 8.91 -13.03 -22.33
N ALA B 242 9.37 -12.33 -23.36
CA ALA B 242 8.52 -12.16 -24.53
C ALA B 242 8.28 -13.50 -25.21
N GLU B 243 9.29 -14.37 -25.23
CA GLU B 243 9.09 -15.69 -25.84
C GLU B 243 8.11 -16.52 -25.01
N ILE B 244 8.33 -16.59 -23.69
CA ILE B 244 7.49 -17.42 -22.82
C ILE B 244 6.02 -17.02 -22.92
N CYS B 245 5.75 -15.71 -23.08
CA CYS B 245 4.39 -15.20 -23.09
C CYS B 245 3.77 -15.21 -24.47
N GLY B 246 4.53 -15.58 -25.49
CA GLY B 246 4.00 -15.70 -26.82
C GLY B 246 3.94 -14.43 -27.65
N LEU B 247 4.50 -13.32 -27.16
CA LEU B 247 4.32 -12.04 -27.86
C LEU B 247 4.64 -12.20 -29.33
N ASN B 248 3.94 -11.43 -30.15
CA ASN B 248 4.25 -11.33 -31.56
C ASN B 248 3.85 -9.93 -32.02
N SER B 249 3.92 -9.70 -33.33
CA SER B 249 3.70 -8.37 -33.82
C SER B 249 2.24 -7.96 -33.76
N ASN B 250 1.34 -8.90 -33.44
CA ASN B 250 -0.08 -8.66 -33.27
C ASN B 250 -0.46 -8.44 -31.83
N THR B 251 0.50 -8.51 -30.91
CA THR B 251 0.22 -8.24 -29.52
C THR B 251 -0.08 -6.77 -29.34
N ARG B 252 -1.19 -6.50 -28.66
CA ARG B 252 -1.57 -5.18 -28.19
C ARG B 252 -1.77 -5.32 -26.68
N LEU B 253 -0.84 -4.75 -25.92
CA LEU B 253 -0.78 -4.92 -24.48
C LEU B 253 -1.28 -3.66 -23.80
N LEU B 254 -2.23 -3.83 -22.88
CA LEU B 254 -2.68 -2.73 -22.06
C LEU B 254 -1.63 -2.45 -21.00
N CYS B 255 -1.17 -1.20 -20.92
CA CYS B 255 -0.31 -0.76 -19.83
CA CYS B 255 -0.31 -0.78 -19.83
C CYS B 255 -1.17 0.04 -18.87
N ALA B 256 -1.84 -0.66 -17.94
CA ALA B 256 -2.70 -0.04 -16.93
C ALA B 256 -2.03 0.05 -15.55
N LEU B 257 -1.07 -0.83 -15.26
CA LEU B 257 -0.26 -0.69 -14.06
C LEU B 257 0.72 0.45 -14.25
N PRO B 258 1.33 0.94 -13.17
CA PRO B 258 2.38 1.96 -13.32
C PRO B 258 3.45 1.57 -14.32
N ALA B 259 3.66 2.41 -15.35
CA ALA B 259 4.61 2.08 -16.41
C ALA B 259 6.04 1.82 -15.94
N PRO B 260 6.58 2.50 -14.92
CA PRO B 260 7.94 2.13 -14.45
C PRO B 260 7.99 0.80 -13.75
N HIS B 261 6.86 0.26 -13.27
CA HIS B 261 6.95 -0.96 -12.47
C HIS B 261 7.56 -2.08 -13.29
N ASN B 262 8.45 -2.86 -12.65
CA ASN B 262 9.10 -3.97 -13.30
C ASN B 262 8.12 -4.89 -14.01
N PHE B 263 7.02 -5.22 -13.35
CA PHE B 263 5.99 -6.07 -13.95
C PHE B 263 5.52 -5.47 -15.26
N MET B 264 5.15 -4.18 -15.26
CA MET B 264 4.59 -3.51 -16.43
C MET B 264 5.65 -3.24 -17.49
N LEU B 265 6.91 -3.18 -17.10
CA LEU B 265 7.99 -2.73 -18.00
C LEU B 265 8.68 -3.90 -18.71
N SER B 266 8.87 -5.04 -18.04
CA SER B 266 9.69 -6.11 -18.58
C SER B 266 9.17 -7.54 -18.43
N CYS B 267 7.97 -7.77 -17.88
CA CYS B 267 7.56 -9.12 -17.47
C CYS B 267 6.22 -9.57 -18.08
N PRO B 268 6.09 -9.56 -19.41
CA PRO B 268 7.04 -9.18 -20.43
C PRO B 268 6.98 -7.68 -20.71
N GLY B 269 5.91 -7.02 -20.27
CA GLY B 269 5.87 -5.58 -20.19
C GLY B 269 5.87 -4.86 -21.54
N ALA B 270 5.90 -3.53 -21.43
CA ALA B 270 6.02 -2.71 -22.63
C ALA B 270 7.24 -3.11 -23.44
N LEU B 271 8.36 -3.35 -22.76
CA LEU B 271 9.62 -3.66 -23.45
C LEU B 271 9.54 -5.01 -24.17
N GLY B 272 8.85 -5.98 -23.57
CA GLY B 272 8.60 -7.24 -24.26
C GLY B 272 7.78 -7.05 -25.53
N VAL B 273 6.73 -6.23 -25.46
CA VAL B 273 5.87 -6.02 -26.63
C VAL B 273 6.63 -5.31 -27.74
N LEU B 274 7.47 -4.33 -27.38
CA LEU B 274 8.27 -3.64 -28.38
C LEU B 274 9.34 -4.58 -28.93
N HIS B 275 9.93 -5.40 -28.04
CA HIS B 275 10.86 -6.43 -28.51
C HIS B 275 10.24 -7.28 -29.62
N ALA B 276 8.96 -7.60 -29.50
CA ALA B 276 8.26 -8.49 -30.42
C ALA B 276 7.55 -7.75 -31.53
N GLY B 277 7.67 -6.43 -31.57
CA GLY B 277 7.07 -5.68 -32.65
C GLY B 277 5.59 -5.46 -32.50
N GLY B 278 5.02 -5.70 -31.32
CA GLY B 278 3.63 -5.42 -31.06
C GLY B 278 3.46 -3.98 -30.63
N CYS B 279 2.38 -3.73 -29.89
CA CYS B 279 2.00 -2.35 -29.61
C CYS B 279 1.54 -2.21 -28.17
N VAL B 280 2.03 -1.15 -27.51
CA VAL B 280 1.65 -0.80 -26.15
C VAL B 280 0.48 0.18 -26.18
N VAL B 281 -0.55 -0.11 -25.36
CA VAL B 281 -1.76 0.70 -25.29
C VAL B 281 -1.86 1.26 -23.87
N MET B 282 -1.64 2.56 -23.73
CA MET B 282 -1.61 3.21 -22.42
C MET B 282 -3.01 3.30 -21.80
N ALA B 283 -3.08 3.14 -20.48
CA ALA B 283 -4.25 3.50 -19.70
C ALA B 283 -3.80 4.18 -18.42
N PRO B 284 -4.60 5.08 -17.87
CA PRO B 284 -4.18 5.80 -16.66
C PRO B 284 -4.01 4.92 -15.44
N ASN B 285 -4.84 3.89 -15.28
CA ASN B 285 -4.83 2.99 -14.14
C ASN B 285 -5.73 1.83 -14.47
N PRO B 286 -5.83 0.83 -13.64
CA PRO B 286 -6.64 -0.34 -13.99
C PRO B 286 -8.12 -0.17 -13.66
N GLU B 287 -8.61 1.05 -13.39
CA GLU B 287 -10.02 1.26 -13.10
C GLU B 287 -10.85 0.71 -14.27
N PRO B 288 -11.79 -0.24 -14.03
CA PRO B 288 -12.41 -0.95 -15.15
C PRO B 288 -13.03 -0.06 -16.19
N LEU B 289 -13.91 0.87 -15.82
CA LEU B 289 -14.70 1.53 -16.85
C LEU B 289 -13.78 2.20 -17.85
N ASN B 290 -12.80 2.93 -17.31
CA ASN B 290 -11.72 3.52 -18.09
C ASN B 290 -11.03 2.47 -18.97
N CYS B 291 -10.34 1.52 -18.37
CA CYS B 291 -9.52 0.70 -19.26
C CYS B 291 -10.39 -0.27 -20.08
N PHE B 292 -11.62 -0.61 -19.64
CA PHE B 292 -12.51 -1.44 -20.49
C PHE B 292 -12.77 -0.77 -21.82
N SER B 293 -12.99 0.54 -21.79
CA SER B 293 -13.27 1.26 -23.03
C SER B 293 -12.03 1.35 -23.92
N ILE B 294 -10.83 1.43 -23.32
CA ILE B 294 -9.58 1.43 -24.09
C ILE B 294 -9.37 0.08 -24.74
N ILE B 295 -9.64 -0.99 -23.98
CA ILE B 295 -9.46 -2.35 -24.49
C ILE B 295 -10.33 -2.57 -25.71
N GLN B 296 -11.62 -2.21 -25.64
CA GLN B 296 -12.49 -2.38 -26.79
C GLN B 296 -12.01 -1.54 -27.98
N ARG B 297 -11.73 -0.26 -27.73
CA ARG B 297 -11.47 0.68 -28.82
C ARG B 297 -10.26 0.28 -29.65
N HIS B 298 -9.20 -0.18 -29.00
CA HIS B 298 -7.97 -0.55 -29.66
C HIS B 298 -7.77 -2.05 -29.76
N GLN B 299 -8.79 -2.84 -29.40
CA GLN B 299 -8.71 -4.27 -29.61
C GLN B 299 -7.56 -4.87 -28.81
N VAL B 300 -7.38 -4.39 -27.58
CA VAL B 300 -6.30 -4.89 -26.75
C VAL B 300 -6.48 -6.38 -26.55
N ASN B 301 -5.41 -7.15 -26.73
CA ASN B 301 -5.52 -8.61 -26.58
C ASN B 301 -4.68 -9.15 -25.44
N MET B 302 -3.96 -8.29 -24.73
CA MET B 302 -3.22 -8.72 -23.56
C MET B 302 -3.24 -7.62 -22.50
N ALA B 303 -3.30 -8.03 -21.23
CA ALA B 303 -3.18 -7.10 -20.10
C ALA B 303 -2.40 -7.78 -18.99
N SER B 304 -1.86 -6.97 -18.08
CA SER B 304 -1.11 -7.48 -16.94
C SER B 304 -1.67 -6.76 -15.73
N LEU B 305 -2.07 -7.52 -14.69
CA LEU B 305 -2.79 -6.95 -13.54
C LEU B 305 -2.25 -7.53 -12.25
N VAL B 306 -2.36 -6.73 -11.18
CA VAL B 306 -2.20 -7.26 -9.81
C VAL B 306 -3.57 -7.76 -9.35
N PRO B 307 -3.61 -8.69 -8.40
CA PRO B 307 -4.89 -9.31 -8.04
C PRO B 307 -5.98 -8.34 -7.58
N SER B 308 -5.64 -7.26 -6.85
CA SER B 308 -6.67 -6.30 -6.46
C SER B 308 -7.42 -5.77 -7.67
N ALA B 309 -6.69 -5.55 -8.77
CA ALA B 309 -7.26 -5.00 -10.00
C ALA B 309 -8.07 -6.05 -10.75
N VAL B 310 -7.62 -7.30 -10.72
CA VAL B 310 -8.40 -8.39 -11.30
C VAL B 310 -9.77 -8.44 -10.66
N ILE B 311 -9.83 -8.27 -9.34
CA ILE B 311 -11.11 -8.32 -8.64
C ILE B 311 -12.02 -7.21 -9.13
N MET B 312 -11.45 -6.01 -9.26
CA MET B 312 -12.22 -4.91 -9.85
C MET B 312 -12.76 -5.30 -11.22
N TRP B 313 -11.91 -5.85 -12.08
CA TRP B 313 -12.37 -6.20 -13.42
C TRP B 313 -13.47 -7.25 -13.33
N LEU B 314 -13.27 -8.27 -12.51
CA LEU B 314 -14.28 -9.32 -12.36
C LEU B 314 -15.63 -8.75 -11.98
N GLU B 315 -15.66 -7.74 -11.11
CA GLU B 315 -16.97 -7.24 -10.71
C GLU B 315 -17.66 -6.56 -11.88
N LYS B 316 -16.92 -5.89 -12.74
CA LYS B 316 -17.61 -5.17 -13.81
C LYS B 316 -17.80 -6.01 -15.07
N ALA B 317 -17.24 -7.21 -15.13
CA ALA B 317 -17.11 -7.89 -16.40
C ALA B 317 -18.44 -8.38 -16.93
N ALA B 318 -19.44 -8.57 -16.06
CA ALA B 318 -20.73 -9.09 -16.49
C ALA B 318 -21.47 -8.07 -17.34
N GLN B 319 -21.51 -6.81 -16.92
CA GLN B 319 -22.17 -5.83 -17.77
C GLN B 319 -21.37 -5.50 -19.03
N TYR B 320 -20.05 -5.82 -19.07
CA TYR B 320 -19.18 -5.27 -20.09
C TYR B 320 -18.40 -6.34 -20.85
N LYS B 321 -18.94 -7.57 -20.96
CA LYS B 321 -18.23 -8.63 -21.66
C LYS B 321 -17.70 -8.16 -23.01
N ASP B 322 -18.53 -7.43 -23.76
CA ASP B 322 -18.18 -7.08 -25.13
C ASP B 322 -17.04 -6.09 -25.17
N GLN B 323 -16.94 -5.21 -24.16
CA GLN B 323 -15.82 -4.28 -24.18
C GLN B 323 -14.48 -4.97 -24.00
N ILE B 324 -14.45 -6.16 -23.39
CA ILE B 324 -13.18 -6.84 -23.16
C ILE B 324 -13.10 -8.17 -23.91
N GLN B 325 -13.94 -8.37 -24.92
CA GLN B 325 -13.91 -9.66 -25.59
C GLN B 325 -12.54 -9.92 -26.20
N SER B 326 -11.83 -8.86 -26.62
CA SER B 326 -10.63 -9.05 -27.41
C SER B 326 -9.45 -9.50 -26.58
N LEU B 327 -9.56 -9.49 -25.26
CA LEU B 327 -8.50 -9.96 -24.41
C LEU B 327 -8.22 -11.44 -24.67
N LYS B 328 -6.96 -11.79 -24.92
CA LYS B 328 -6.65 -13.20 -25.09
C LYS B 328 -5.82 -13.78 -23.97
N LEU B 329 -5.04 -12.96 -23.29
CA LEU B 329 -4.19 -13.44 -22.23
C LEU B 329 -4.11 -12.36 -21.17
N LEU B 330 -4.24 -12.76 -19.90
CA LEU B 330 -4.09 -11.88 -18.76
C LEU B 330 -2.98 -12.43 -17.87
N GLN B 331 -1.95 -11.61 -17.62
CA GLN B 331 -0.98 -11.92 -16.58
C GLN B 331 -1.47 -11.41 -15.23
N VAL B 332 -1.29 -12.22 -14.21
CA VAL B 332 -1.61 -11.79 -12.86
C VAL B 332 -0.42 -12.09 -11.96
N GLY B 333 0.03 -11.08 -11.23
CA GLY B 333 1.00 -11.32 -10.19
C GLY B 333 1.10 -10.11 -9.30
N GLY B 334 1.96 -10.21 -8.30
CA GLY B 334 2.26 -9.08 -7.46
C GLY B 334 1.68 -9.16 -6.07
N ALA B 335 0.73 -10.07 -5.84
CA ALA B 335 0.11 -10.29 -4.54
C ALA B 335 -0.45 -11.70 -4.54
N SER B 336 -0.90 -12.12 -3.37
CA SER B 336 -1.70 -13.34 -3.21
C SER B 336 -2.84 -13.38 -4.22
N PHE B 337 -2.97 -14.51 -4.90
CA PHE B 337 -3.96 -14.70 -5.96
C PHE B 337 -4.59 -16.07 -5.77
N PRO B 338 -5.66 -16.16 -4.98
CA PRO B 338 -6.21 -17.48 -4.66
C PRO B 338 -6.77 -18.20 -5.88
N GLU B 339 -6.74 -19.53 -5.81
CA GLU B 339 -7.25 -20.39 -6.88
C GLU B 339 -8.69 -20.03 -7.26
N SER B 340 -9.55 -19.79 -6.26
CA SER B 340 -10.93 -19.43 -6.56
C SER B 340 -11.01 -18.22 -7.48
N LEU B 341 -10.07 -17.28 -7.33
CA LEU B 341 -10.08 -16.08 -8.17
C LEU B 341 -9.52 -16.37 -9.53
N ALA B 342 -8.43 -17.15 -9.57
CA ALA B 342 -7.76 -17.50 -10.81
C ALA B 342 -8.69 -18.25 -11.76
N ARG B 343 -9.51 -19.16 -11.23
CA ARG B 343 -10.46 -19.96 -12.01
C ARG B 343 -11.56 -19.12 -12.63
N GLN B 344 -11.74 -17.89 -12.17
CA GLN B 344 -12.77 -17.02 -12.71
C GLN B 344 -12.29 -16.24 -13.91
N VAL B 345 -10.99 -16.05 -14.06
CA VAL B 345 -10.46 -15.25 -15.15
C VAL B 345 -10.96 -15.79 -16.49
N PRO B 346 -10.73 -17.05 -16.85
CA PRO B 346 -11.30 -17.56 -18.12
C PRO B 346 -12.82 -17.61 -18.15
N GLU B 347 -13.48 -17.94 -17.03
CA GLU B 347 -14.94 -18.03 -17.08
C GLU B 347 -15.57 -16.65 -17.23
N VAL B 348 -15.03 -15.65 -16.56
CA VAL B 348 -15.65 -14.33 -16.48
C VAL B 348 -15.04 -13.36 -17.47
N LEU B 349 -13.70 -13.30 -17.51
CA LEU B 349 -13.01 -12.37 -18.39
C LEU B 349 -12.80 -12.92 -19.80
N ASN B 350 -12.99 -14.23 -20.00
CA ASN B 350 -12.99 -14.83 -21.33
C ASN B 350 -11.62 -14.70 -22.00
N CYS B 351 -10.57 -14.96 -21.23
CA CYS B 351 -9.23 -14.97 -21.78
C CYS B 351 -8.41 -15.97 -20.98
N LYS B 352 -7.23 -16.29 -21.48
CA LYS B 352 -6.38 -17.23 -20.79
C LYS B 352 -5.66 -16.55 -19.64
N LEU B 353 -5.26 -17.34 -18.65
CA LEU B 353 -4.64 -16.82 -17.46
C LEU B 353 -3.16 -17.23 -17.45
N GLN B 354 -2.29 -16.31 -17.05
CA GLN B 354 -0.90 -16.65 -16.84
C GLN B 354 -0.49 -16.05 -15.51
N GLN B 355 0.00 -16.89 -14.60
CA GLN B 355 0.46 -16.36 -13.32
C GLN B 355 1.94 -16.03 -13.41
N ALA B 356 2.30 -14.93 -12.77
CA ALA B 356 3.66 -14.40 -12.78
C ALA B 356 4.01 -14.06 -11.35
N PHE B 357 5.20 -14.49 -10.91
CA PHE B 357 5.72 -14.12 -9.61
C PHE B 357 7.16 -13.63 -9.85
N GLY B 358 7.40 -12.34 -9.64
CA GLY B 358 8.71 -11.80 -9.91
C GLY B 358 9.01 -10.66 -8.95
N MET B 359 10.18 -10.05 -9.15
CA MET B 359 10.65 -9.03 -8.25
C MET B 359 11.60 -8.11 -9.00
N ALA B 360 11.55 -6.81 -8.70
CA ALA B 360 12.41 -5.87 -9.39
C ALA B 360 13.88 -6.24 -9.21
N GLU B 361 14.22 -7.04 -8.21
CA GLU B 361 15.61 -7.42 -8.03
C GLU B 361 16.06 -8.45 -9.05
N GLY B 362 15.15 -9.07 -9.80
CA GLY B 362 15.58 -10.05 -10.77
C GLY B 362 14.54 -11.08 -11.11
N LEU B 363 14.66 -12.26 -10.48
CA LEU B 363 13.93 -13.48 -10.81
C LEU B 363 12.47 -13.23 -11.16
N VAL B 364 12.05 -13.73 -12.32
CA VAL B 364 10.64 -13.73 -12.68
C VAL B 364 10.26 -15.17 -13.00
N ASN B 365 9.07 -15.57 -12.52
CA ASN B 365 8.48 -16.86 -12.80
C ASN B 365 7.15 -16.65 -13.53
N TYR B 366 6.87 -17.55 -14.45
CA TYR B 366 5.60 -17.55 -15.18
C TYR B 366 5.14 -18.98 -15.24
N THR B 367 3.82 -19.18 -15.15
CA THR B 367 3.22 -20.37 -15.73
C THR B 367 3.37 -20.27 -17.24
N ARG B 368 3.58 -21.41 -17.89
CA ARG B 368 3.74 -21.43 -19.33
C ARG B 368 2.37 -21.60 -19.98
N LEU B 369 2.29 -21.22 -21.25
CA LEU B 369 1.00 -21.23 -21.92
C LEU B 369 0.48 -22.65 -22.17
N ASP B 370 1.35 -23.66 -22.08
CA ASP B 370 0.94 -25.05 -22.24
C ASP B 370 1.06 -25.83 -20.93
N ASP B 371 1.15 -25.14 -19.80
CA ASP B 371 1.03 -25.75 -18.49
C ASP B 371 -0.39 -26.31 -18.31
N SER B 372 -0.52 -27.32 -17.44
CA SER B 372 -1.85 -27.86 -17.16
C SER B 372 -2.69 -26.85 -16.39
N ASP B 373 -4.00 -27.05 -16.43
CA ASP B 373 -4.91 -26.14 -15.74
C ASP B 373 -4.62 -26.08 -14.24
N GLU B 374 -4.35 -27.23 -13.62
CA GLU B 374 -3.95 -27.22 -12.23
C GLU B 374 -2.76 -26.28 -12.01
N GLN B 375 -1.72 -26.43 -12.80
CA GLN B 375 -0.57 -25.55 -12.69
C GLN B 375 -0.98 -24.09 -12.83
N ILE B 376 -1.77 -23.75 -13.85
CA ILE B 376 -2.03 -22.35 -14.10
C ILE B 376 -2.85 -21.74 -12.97
N PHE B 377 -3.82 -22.49 -12.44
CA PHE B 377 -4.68 -21.96 -11.38
C PHE B 377 -4.07 -22.05 -9.98
N THR B 378 -3.13 -22.96 -9.71
CA THR B 378 -2.64 -23.13 -8.33
C THR B 378 -1.17 -22.80 -8.14
N THR B 379 -0.43 -22.37 -9.16
CA THR B 379 0.99 -22.10 -8.97
C THR B 379 1.36 -20.77 -9.62
N GLN B 380 2.52 -20.25 -9.21
CA GLN B 380 3.07 -19.04 -9.79
C GLN B 380 4.20 -19.36 -10.76
N GLY B 381 4.24 -20.59 -11.29
CA GLY B 381 5.11 -20.91 -12.39
C GLY B 381 6.56 -21.20 -12.01
N ARG B 382 7.42 -21.06 -13.01
CA ARG B 382 8.81 -21.43 -12.84
C ARG B 382 9.69 -20.41 -13.54
N PRO B 383 10.98 -20.39 -13.21
CA PRO B 383 11.85 -19.28 -13.65
C PRO B 383 11.97 -19.13 -15.17
N ILE B 384 12.21 -17.88 -15.58
CA ILE B 384 12.50 -17.55 -16.97
C ILE B 384 13.65 -18.41 -17.50
N SER B 385 14.71 -18.53 -16.72
CA SER B 385 15.98 -19.05 -17.20
C SER B 385 16.29 -20.41 -16.60
N SER B 386 16.77 -21.32 -17.44
CA SER B 386 17.31 -22.57 -16.92
C SER B 386 18.51 -22.35 -16.01
N ASP B 387 19.12 -21.16 -16.03
CA ASP B 387 20.18 -20.81 -15.09
C ASP B 387 19.73 -19.89 -13.95
N ASP B 388 18.42 -19.74 -13.75
CA ASP B 388 17.94 -19.18 -12.48
C ASP B 388 18.14 -20.23 -11.39
N GLU B 389 19.06 -19.99 -10.46
CA GLU B 389 19.32 -20.96 -9.40
C GLU B 389 18.45 -20.63 -8.19
N ILE B 390 17.72 -21.63 -7.71
CA ILE B 390 16.71 -21.45 -6.67
C ILE B 390 17.11 -22.33 -5.50
N LYS B 391 17.19 -21.73 -4.31
CA LYS B 391 17.21 -22.47 -3.05
C LYS B 391 15.97 -22.10 -2.25
N ILE B 392 15.35 -23.10 -1.63
CA ILE B 392 14.22 -22.92 -0.70
C ILE B 392 14.71 -23.44 0.65
N VAL B 393 14.91 -22.55 1.62
CA VAL B 393 15.65 -22.89 2.84
C VAL B 393 14.80 -22.65 4.09
N ASP B 394 15.28 -23.21 5.22
CA ASP B 394 14.67 -23.11 6.53
C ASP B 394 15.40 -22.06 7.36
N GLU B 395 15.00 -21.95 8.64
CA GLU B 395 15.62 -21.01 9.56
C GLU B 395 17.13 -21.19 9.64
N GLN B 396 17.61 -22.42 9.56
CA GLN B 396 19.04 -22.70 9.64
C GLN B 396 19.74 -22.58 8.31
N TYR B 397 19.07 -22.00 7.31
CA TYR B 397 19.66 -21.81 6.00
C TYR B 397 20.04 -23.14 5.37
N ARG B 398 19.33 -24.20 5.74
CA ARG B 398 19.45 -25.51 5.13
C ARG B 398 18.28 -25.72 4.16
N GLU B 399 18.55 -26.38 3.03
CA GLU B 399 17.49 -26.60 2.03
C GLU B 399 16.40 -27.50 2.61
N VAL B 400 15.15 -27.05 2.51
CA VAL B 400 14.00 -27.78 3.05
C VAL B 400 13.75 -29.06 2.26
N PRO B 401 13.19 -30.09 2.88
CA PRO B 401 12.81 -31.28 2.12
C PRO B 401 11.85 -30.93 1.00
N GLU B 402 11.98 -31.62 -0.13
CA GLU B 402 11.29 -31.21 -1.34
C GLU B 402 9.78 -31.15 -1.10
N GLY B 403 9.19 -29.98 -1.35
CA GLY B 403 7.78 -29.73 -1.15
C GLY B 403 7.48 -28.87 0.06
N GLU B 404 8.37 -28.86 1.05
CA GLU B 404 8.20 -28.06 2.25
C GLU B 404 8.30 -26.57 1.93
N ILE B 405 7.66 -25.78 2.77
CA ILE B 405 7.73 -24.32 2.67
C ILE B 405 9.06 -23.85 3.21
N GLY B 406 9.65 -22.87 2.51
CA GLY B 406 10.91 -22.27 2.92
C GLY B 406 11.10 -20.91 2.28
N MET B 407 12.19 -20.25 2.68
CA MET B 407 12.51 -18.94 2.16
C MET B 407 13.21 -19.07 0.81
N LEU B 408 12.85 -18.18 -0.11
CA LEU B 408 13.40 -18.18 -1.46
C LEU B 408 14.76 -17.49 -1.47
N ALA B 409 15.78 -18.19 -1.94
CA ALA B 409 17.08 -17.58 -2.22
C ALA B 409 17.39 -17.86 -3.68
N THR B 410 17.93 -16.87 -4.38
CA THR B 410 18.08 -17.08 -5.81
C THR B 410 19.27 -16.30 -6.38
N ARG B 411 19.83 -16.81 -7.47
CA ARG B 411 20.79 -16.04 -8.25
C ARG B 411 20.67 -16.48 -9.69
N GLY B 412 21.07 -15.61 -10.61
CA GLY B 412 20.91 -15.94 -12.02
C GLY B 412 21.28 -14.81 -12.96
N PRO B 413 21.04 -15.01 -14.25
CA PRO B 413 21.61 -14.09 -15.25
C PRO B 413 20.92 -12.75 -15.28
N TYR B 414 19.83 -12.56 -14.52
CA TYR B 414 19.29 -11.22 -14.45
C TYR B 414 18.91 -10.83 -13.03
N THR B 415 19.40 -11.54 -12.02
CA THR B 415 19.20 -11.17 -10.64
C THR B 415 20.40 -10.34 -10.14
N PHE B 416 20.09 -9.16 -9.60
CA PHE B 416 21.08 -8.18 -9.23
C PHE B 416 21.99 -8.76 -8.16
N CYS B 417 23.12 -8.07 -7.92
CA CYS B 417 24.08 -8.50 -6.93
C CYS B 417 24.21 -7.51 -5.79
N GLY B 418 23.32 -6.53 -5.69
CA GLY B 418 23.35 -5.63 -4.55
C GLY B 418 22.61 -4.34 -4.81
N TYR B 419 21.90 -3.81 -3.80
CA TYR B 419 21.29 -2.49 -3.93
C TYR B 419 22.38 -1.42 -4.08
N TYR B 420 22.02 -0.33 -4.75
CA TYR B 420 22.88 0.82 -4.94
C TYR B 420 23.37 1.37 -3.60
N GLN B 421 24.69 1.40 -3.44
CA GLN B 421 25.32 2.10 -2.33
C GLN B 421 24.76 1.65 -0.98
N SER B 422 24.50 0.35 -0.85
CA SER B 422 23.94 -0.20 0.38
C SER B 422 24.75 -1.40 0.87
N PRO B 423 26.05 -1.23 1.16
CA PRO B 423 26.84 -2.39 1.58
C PRO B 423 26.31 -3.07 2.84
N GLU B 424 25.88 -2.32 3.87
CA GLU B 424 25.32 -2.97 5.05
C GLU B 424 24.10 -3.80 4.71
N HIS B 425 23.11 -3.20 4.04
CA HIS B 425 21.92 -3.98 3.69
C HIS B 425 22.27 -5.18 2.81
N ASN B 426 23.17 -4.99 1.83
CA ASN B 426 23.51 -6.07 0.91
C ASN B 426 24.06 -7.28 1.66
N SER B 427 24.92 -7.06 2.65
CA SER B 427 25.50 -8.18 3.38
C SER B 427 24.43 -8.98 4.15
N GLN B 428 23.26 -8.38 4.36
CA GLN B 428 22.18 -8.99 5.12
C GLN B 428 21.26 -9.85 4.27
N VAL B 429 21.12 -9.52 2.99
CA VAL B 429 20.17 -10.20 2.11
C VAL B 429 20.87 -11.02 1.03
N PHE B 430 22.19 -11.14 1.08
CA PHE B 430 22.97 -12.01 0.19
C PHE B 430 23.80 -12.96 1.04
N ASP B 431 23.83 -14.24 0.66
CA ASP B 431 24.73 -15.12 1.41
C ASP B 431 26.12 -15.18 0.77
N GLU B 432 27.00 -15.97 1.40
CA GLU B 432 28.38 -16.04 0.92
C GLU B 432 28.44 -16.51 -0.52
N ASP B 433 27.47 -17.33 -0.94
CA ASP B 433 27.41 -17.83 -2.31
C ASP B 433 26.71 -16.86 -3.25
N ASN B 434 26.43 -15.65 -2.77
CA ASN B 434 25.79 -14.59 -3.55
C ASN B 434 24.35 -14.91 -3.97
N TYR B 435 23.66 -15.82 -3.27
CA TYR B 435 22.22 -15.92 -3.41
C TYR B 435 21.53 -14.72 -2.76
N TYR B 436 20.54 -14.16 -3.45
CA TYR B 436 19.70 -13.10 -2.92
C TYR B 436 18.50 -13.71 -2.18
N TYR B 437 18.25 -13.27 -0.94
CA TYR B 437 17.10 -13.76 -0.15
C TYR B 437 15.97 -12.76 -0.31
N SER B 438 14.95 -13.14 -1.07
CA SER B 438 13.90 -12.22 -1.46
C SER B 438 12.87 -11.98 -0.35
N GLY B 439 12.89 -12.80 0.70
CA GLY B 439 11.89 -12.70 1.75
C GLY B 439 10.58 -13.37 1.42
N ASP B 440 10.50 -14.06 0.29
CA ASP B 440 9.28 -14.73 -0.06
C ASP B 440 9.33 -16.14 0.50
N LEU B 441 8.21 -16.61 1.04
CA LEU B 441 8.03 -18.01 1.39
C LEU B 441 7.38 -18.70 0.21
N VAL B 442 7.89 -19.88 -0.14
CA VAL B 442 7.50 -20.60 -1.34
C VAL B 442 7.63 -22.09 -1.08
N GLN B 443 6.97 -22.90 -1.91
CA GLN B 443 7.20 -24.34 -1.98
C GLN B 443 7.27 -24.72 -3.46
N ARG B 444 8.05 -25.76 -3.77
CA ARG B 444 8.18 -26.25 -5.14
C ARG B 444 7.21 -27.42 -5.31
N THR B 445 6.30 -27.31 -6.28
CA THR B 445 5.28 -28.33 -6.48
C THR B 445 5.88 -29.51 -7.25
N PRO B 446 5.22 -30.68 -7.20
CA PRO B 446 5.81 -31.85 -7.89
C PRO B 446 6.05 -31.62 -9.38
N ASP B 447 5.13 -30.91 -10.05
CA ASP B 447 5.25 -30.54 -11.47
C ASP B 447 6.44 -29.61 -11.76
N GLY B 448 7.15 -29.14 -10.74
CA GLY B 448 8.29 -28.26 -10.93
C GLY B 448 8.03 -26.77 -10.77
N ASN B 449 6.78 -26.36 -10.54
CA ASN B 449 6.46 -24.94 -10.43
C ASN B 449 6.63 -24.46 -8.99
N LEU B 450 6.48 -23.16 -8.78
CA LEU B 450 6.55 -22.57 -7.46
C LEU B 450 5.19 -22.07 -7.00
N ARG B 451 4.93 -22.22 -5.72
CA ARG B 451 3.76 -21.63 -5.09
C ARG B 451 4.30 -20.63 -4.07
N VAL B 452 3.98 -19.36 -4.26
CA VAL B 452 4.29 -18.35 -3.25
C VAL B 452 3.21 -18.42 -2.18
N VAL B 453 3.63 -18.51 -0.92
CA VAL B 453 2.68 -18.72 0.17
C VAL B 453 2.77 -17.67 1.26
N GLY B 454 3.71 -16.75 1.18
CA GLY B 454 3.78 -15.71 2.18
C GLY B 454 5.11 -14.99 2.14
N ARG B 455 5.38 -14.27 3.22
CA ARG B 455 6.61 -13.50 3.28
C ARG B 455 7.18 -13.63 4.68
N ILE B 456 8.49 -13.43 4.76
CA ILE B 456 9.24 -13.58 5.99
C ILE B 456 10.18 -12.38 6.10
N LYS B 457 10.28 -11.81 7.30
CA LYS B 457 11.11 -10.63 7.53
C LYS B 457 12.60 -10.98 7.46
N ASP B 458 13.39 -10.03 6.97
CA ASP B 458 14.84 -10.19 6.94
C ASP B 458 15.40 -10.58 8.31
#